data_4IZ0
#
_entry.id   4IZ0
#
_cell.length_a   105.710
_cell.length_b   107.850
_cell.length_c   133.950
_cell.angle_alpha   90.00
_cell.angle_beta   90.00
_cell.angle_gamma   90.00
#
_symmetry.space_group_name_H-M   'P 21 21 21'
#
loop_
_entity.id
_entity.type
_entity.pdbx_description
1 polymer 'RNA-directed RNA polymerase'
2 non-polymer 2,4,5-trichloro-N-(5-methyl-1,2-oxazol-3-yl)benzenesulfonamide
3 water water
#
_entity_poly.entity_id   1
_entity_poly.type   'polypeptide(L)'
_entity_poly.pdbx_seq_one_letter_code
;SMSYTWTGALITPCAAEESKLPINPLSNSLLRHHNMVYATTSRSASLRQKKVTFDRLQVLDDHYRDVLKEMKAKASTVKA
KLLSIEEACKLTPPHSAKSKFGYGAKDVRNLSSRAVNHIRSVWEDLLEDTETPIDTTIMAKSEVFCVQPEKGGRKPARLI
VFPDLGVRVCEKMALYDVVSTLPQAVMGSSYGFQYSPKQRVEFLVNTWKSKKCPMGFSYDTRCFDSTVTESDIRVEESIY
QCCDLAPEARQAIRSLTERLYIGGPLTNSKGQNCGYRRCRASGVLTTSCGNTLTCYLKATAACRAAKLQDCTMLVNGDDL
VVICESAGTQEDAAALRAFTEAMTRYSAPPGDPPQPEYDLELITSCSSNVSVAHDASGKRVYYLTRDPTTPLARAAWETA
RHTPINSWLGNIIMYAPTLWARMILMTHFFSILLAQEQLEKALDCQIYGACYSIEPLDLPQIIERLHGLSAFTLHSYSPG
EINRVASCLRKLGVPPLRTWRHRARSVRAKLLSQGGRAATCGRYLFNWAVRTKLKLTPIPAASQLDLSGWFVAGYSGGDI
YHSLSRARPRHHHHHH
;
_entity_poly.pdbx_strand_id   A,B
#
loop_
_chem_comp.id
_chem_comp.type
_chem_comp.name
_chem_comp.formula
2BI non-polymer 2,4,5-trichloro-N-(5-methyl-1,2-oxazol-3-yl)benzenesulfonamide 'C10 H7 Cl3 N2 O3 S'
#
# COMPACT_ATOMS: atom_id res chain seq x y z
N SER A 1 -25.13 3.55 -7.04
CA SER A 1 -25.38 4.71 -7.94
C SER A 1 -25.60 4.22 -9.36
N MET A 2 -26.11 5.12 -10.21
CA MET A 2 -26.34 4.80 -11.61
C MET A 2 -25.02 4.73 -12.38
N SER A 3 -24.84 3.69 -13.18
CA SER A 3 -23.63 3.55 -13.95
C SER A 3 -23.46 4.75 -14.90
N TYR A 4 -24.59 5.23 -15.42
CA TYR A 4 -24.58 6.37 -16.34
C TYR A 4 -25.79 7.27 -16.10
N THR A 5 -25.66 8.53 -16.52
CA THR A 5 -26.72 9.51 -16.42
C THR A 5 -26.65 10.20 -17.76
N TRP A 6 -27.78 10.31 -18.45
CA TRP A 6 -27.80 10.93 -19.77
C TRP A 6 -28.64 12.21 -19.81
N THR A 7 -28.12 13.22 -20.50
CA THR A 7 -28.80 14.50 -20.65
C THR A 7 -29.78 14.41 -21.81
N GLY A 8 -29.47 13.57 -22.79
CA GLY A 8 -30.34 13.44 -23.93
C GLY A 8 -29.64 13.82 -25.22
N ALA A 9 -28.50 14.48 -25.11
CA ALA A 9 -27.74 14.83 -26.30
C ALA A 9 -27.31 13.49 -26.88
N LEU A 10 -27.27 13.38 -28.20
CA LEU A 10 -26.92 12.11 -28.83
C LEU A 10 -25.44 11.78 -28.88
N ILE A 11 -25.14 10.49 -28.97
CA ILE A 11 -23.77 10.05 -29.10
C ILE A 11 -23.56 10.17 -30.59
N THR A 12 -22.87 11.23 -30.99
CA THR A 12 -22.67 11.48 -32.42
C THR A 12 -21.39 10.92 -32.99
N PRO A 13 -21.35 10.73 -34.33
CA PRO A 13 -20.22 10.23 -35.10
C PRO A 13 -19.37 11.43 -35.49
N CYS A 14 -18.08 11.24 -35.71
CA CYS A 14 -17.24 12.39 -36.10
C CYS A 14 -16.79 12.26 -37.55
N ALA A 15 -17.56 11.50 -38.32
CA ALA A 15 -17.30 11.26 -39.74
C ALA A 15 -18.34 10.26 -40.24
N ALA A 16 -18.40 10.05 -41.55
CA ALA A 16 -19.37 9.11 -42.13
C ALA A 16 -19.12 7.71 -41.56
N GLU A 17 -20.17 6.91 -41.45
CA GLU A 17 -20.03 5.57 -40.90
C GLU A 17 -20.42 4.47 -41.89
N GLU A 18 -19.45 3.64 -42.25
CA GLU A 18 -19.71 2.53 -43.16
C GLU A 18 -20.28 1.39 -42.31
N SER A 19 -21.34 0.76 -42.81
CA SER A 19 -21.97 -0.33 -42.08
C SER A 19 -22.19 -1.59 -42.92
N LYS A 20 -21.98 -1.48 -44.23
CA LYS A 20 -22.16 -2.63 -45.11
C LYS A 20 -20.88 -3.02 -45.82
N LEU A 21 -20.75 -4.32 -46.11
CA LEU A 21 -19.57 -4.80 -46.79
C LEU A 21 -19.75 -4.51 -48.27
N PRO A 22 -18.76 -3.87 -48.89
CA PRO A 22 -18.85 -3.55 -50.31
C PRO A 22 -18.77 -4.81 -51.19
N ILE A 23 -19.29 -4.70 -52.42
CA ILE A 23 -19.24 -5.81 -53.36
C ILE A 23 -17.87 -5.61 -53.99
N ASN A 24 -16.90 -6.43 -53.59
CA ASN A 24 -15.55 -6.30 -54.09
C ASN A 24 -15.02 -7.64 -54.61
N PRO A 25 -14.38 -7.64 -55.80
CA PRO A 25 -13.84 -8.88 -56.37
C PRO A 25 -12.89 -9.62 -55.45
N LEU A 26 -12.08 -8.88 -54.71
CA LEU A 26 -11.13 -9.48 -53.78
C LEU A 26 -11.81 -10.10 -52.56
N SER A 27 -12.75 -9.38 -51.97
CA SER A 27 -13.45 -9.91 -50.80
C SER A 27 -14.45 -11.00 -51.20
N ASN A 28 -15.05 -10.84 -52.39
CA ASN A 28 -16.02 -11.80 -52.89
C ASN A 28 -15.38 -13.16 -53.14
N SER A 29 -14.07 -13.16 -53.34
CA SER A 29 -13.30 -14.39 -53.56
C SER A 29 -13.22 -15.20 -52.26
N LEU A 30 -13.29 -14.49 -51.13
CA LEU A 30 -13.23 -15.07 -49.80
C LEU A 30 -14.60 -15.40 -49.22
N LEU A 31 -15.51 -14.44 -49.30
CA LEU A 31 -16.86 -14.60 -48.72
C LEU A 31 -17.90 -13.95 -49.64
N ARG A 32 -18.85 -14.76 -50.12
CA ARG A 32 -19.90 -14.33 -51.05
C ARG A 32 -21.18 -13.74 -50.45
N HIS A 33 -21.54 -14.16 -49.24
CA HIS A 33 -22.75 -13.66 -48.58
C HIS A 33 -22.51 -12.30 -47.94
N HIS A 34 -22.01 -11.34 -48.72
CA HIS A 34 -21.70 -10.01 -48.22
C HIS A 34 -22.76 -9.32 -47.37
N ASN A 35 -24.05 -9.60 -47.61
CA ASN A 35 -25.11 -8.98 -46.82
C ASN A 35 -25.15 -9.47 -45.38
N MET A 36 -24.43 -10.55 -45.08
CA MET A 36 -24.41 -11.10 -43.73
C MET A 36 -23.36 -10.42 -42.84
N VAL A 37 -22.50 -9.62 -43.44
CA VAL A 37 -21.44 -8.94 -42.69
C VAL A 37 -21.80 -7.47 -42.48
N TYR A 38 -21.68 -7.00 -41.23
CA TYR A 38 -22.02 -5.62 -40.92
C TYR A 38 -21.10 -5.04 -39.86
N ALA A 39 -21.04 -3.71 -39.82
CA ALA A 39 -20.24 -3.00 -38.84
C ALA A 39 -21.16 -2.15 -37.97
N THR A 40 -20.87 -2.13 -36.67
CA THR A 40 -21.66 -1.36 -35.72
C THR A 40 -21.43 0.12 -35.99
N THR A 41 -22.45 0.95 -35.74
CA THR A 41 -22.36 2.39 -35.95
C THR A 41 -23.07 3.10 -34.80
N SER A 42 -22.95 4.43 -34.77
CA SER A 42 -23.58 5.22 -33.72
C SER A 42 -25.10 5.13 -33.74
N ARG A 43 -25.67 4.74 -34.88
CA ARG A 43 -27.11 4.64 -35.01
C ARG A 43 -27.75 3.68 -34.01
N SER A 44 -26.97 2.75 -33.49
CA SER A 44 -27.49 1.79 -32.52
C SER A 44 -27.09 2.15 -31.10
N ALA A 45 -26.38 3.27 -30.95
CA ALA A 45 -25.90 3.73 -29.64
C ALA A 45 -26.95 3.74 -28.54
N SER A 46 -28.11 4.34 -28.81
CA SER A 46 -29.15 4.43 -27.80
C SER A 46 -29.56 3.06 -27.27
N LEU A 47 -29.35 2.01 -28.07
CA LEU A 47 -29.70 0.66 -27.64
C LEU A 47 -28.67 0.13 -26.64
N ARG A 48 -27.41 0.49 -26.82
CA ARG A 48 -26.36 0.05 -25.90
C ARG A 48 -26.51 0.86 -24.61
N GLN A 49 -26.76 2.16 -24.77
CA GLN A 49 -26.91 3.05 -23.61
C GLN A 49 -27.96 2.47 -22.66
N LYS A 50 -29.04 1.93 -23.24
CA LYS A 50 -30.11 1.36 -22.43
C LYS A 50 -29.69 0.09 -21.72
N LYS A 51 -28.79 -0.67 -22.31
CA LYS A 51 -28.34 -1.90 -21.67
C LYS A 51 -27.32 -1.66 -20.56
N VAL A 52 -26.51 -0.61 -20.70
CA VAL A 52 -25.47 -0.33 -19.70
C VAL A 52 -25.89 0.65 -18.62
N THR A 53 -27.15 1.08 -18.63
CA THR A 53 -27.62 2.03 -17.64
C THR A 53 -28.51 1.38 -16.60
N PHE A 54 -27.99 1.29 -15.38
CA PHE A 54 -28.72 0.70 -14.27
C PHE A 54 -28.05 1.05 -12.94
N ASP A 55 -28.81 0.89 -11.84
CA ASP A 55 -28.31 1.19 -10.50
C ASP A 55 -27.55 -0.06 -10.04
N ARG A 56 -26.33 0.10 -9.52
CA ARG A 56 -25.57 -1.08 -9.10
C ARG A 56 -25.88 -1.54 -7.68
N LEU A 57 -25.78 -2.85 -7.48
CA LEU A 57 -26.00 -3.44 -6.18
C LEU A 57 -24.65 -3.98 -5.71
N GLN A 58 -24.24 -3.63 -4.51
CA GLN A 58 -22.97 -4.14 -4.01
C GLN A 58 -22.91 -4.32 -2.50
N VAL A 59 -22.69 -5.57 -2.10
CA VAL A 59 -22.59 -5.99 -0.71
C VAL A 59 -21.27 -6.75 -0.53
N LEU A 60 -20.36 -6.21 0.27
CA LEU A 60 -19.07 -6.83 0.51
C LEU A 60 -19.04 -7.61 1.82
N ASP A 61 -18.41 -8.78 1.81
CA ASP A 61 -18.30 -9.61 3.01
C ASP A 61 -16.84 -9.90 3.37
N ASP A 62 -16.66 -10.73 4.40
CA ASP A 62 -15.32 -11.09 4.87
C ASP A 62 -14.45 -11.78 3.81
N HIS A 63 -15.04 -12.68 3.04
CA HIS A 63 -14.26 -13.36 2.01
C HIS A 63 -13.65 -12.34 1.06
N TYR A 64 -14.45 -11.34 0.69
CA TYR A 64 -13.99 -10.29 -0.19
C TYR A 64 -12.79 -9.60 0.48
N ARG A 65 -12.99 -9.12 1.70
CA ARG A 65 -11.91 -8.43 2.42
C ARG A 65 -10.67 -9.31 2.62
N ASP A 66 -10.85 -10.60 2.89
CA ASP A 66 -9.71 -11.49 3.08
C ASP A 66 -8.88 -11.58 1.80
N VAL A 67 -9.55 -11.77 0.67
CA VAL A 67 -8.86 -11.87 -0.61
C VAL A 67 -8.16 -10.54 -0.96
N LEU A 68 -8.81 -9.42 -0.67
CA LEU A 68 -8.23 -8.10 -0.96
C LEU A 68 -6.92 -7.93 -0.20
N LYS A 69 -6.89 -8.33 1.07
CA LYS A 69 -5.68 -8.23 1.87
C LYS A 69 -4.55 -9.13 1.32
N GLU A 70 -4.91 -10.32 0.88
CA GLU A 70 -3.92 -11.24 0.32
C GLU A 70 -3.30 -10.63 -0.95
N MET A 71 -4.14 -9.99 -1.76
CA MET A 71 -3.67 -9.37 -2.99
C MET A 71 -2.74 -8.17 -2.68
N LYS A 72 -3.15 -7.31 -1.75
CA LYS A 72 -2.37 -6.13 -1.37
C LYS A 72 -0.99 -6.54 -0.80
N ALA A 73 -0.97 -7.65 -0.06
CA ALA A 73 0.27 -8.15 0.50
C ALA A 73 1.24 -8.45 -0.64
N LYS A 74 0.72 -9.00 -1.74
CA LYS A 74 1.56 -9.33 -2.88
C LYS A 74 1.92 -8.04 -3.64
N ALA A 75 0.99 -7.10 -3.68
CA ALA A 75 1.23 -5.84 -4.37
C ALA A 75 2.35 -5.09 -3.66
N SER A 76 2.53 -5.38 -2.38
CA SER A 76 3.56 -4.74 -1.56
C SER A 76 5.00 -5.01 -1.96
N THR A 77 5.23 -6.06 -2.75
CA THR A 77 6.58 -6.43 -3.18
C THR A 77 6.98 -5.68 -4.45
N VAL A 78 6.07 -4.87 -4.99
CA VAL A 78 6.34 -4.16 -6.24
C VAL A 78 6.89 -2.74 -6.11
N LYS A 79 7.85 -2.43 -6.98
CA LYS A 79 8.41 -1.09 -7.03
C LYS A 79 8.21 -0.66 -8.47
N ALA A 80 7.34 0.33 -8.68
CA ALA A 80 7.06 0.82 -10.03
C ALA A 80 7.81 2.11 -10.28
N LYS A 81 8.20 2.30 -11.53
CA LYS A 81 8.95 3.50 -11.87
C LYS A 81 8.09 4.49 -12.61
N LEU A 82 8.48 5.74 -12.49
CA LEU A 82 7.80 6.84 -13.14
C LEU A 82 8.43 6.90 -14.53
N LEU A 83 7.60 7.03 -15.55
CA LEU A 83 8.11 7.12 -16.92
C LEU A 83 8.36 8.56 -17.28
N SER A 84 9.41 8.83 -18.04
CA SER A 84 9.72 10.19 -18.47
C SER A 84 8.73 10.53 -19.59
N ILE A 85 8.54 11.82 -19.85
CA ILE A 85 7.62 12.21 -20.89
C ILE A 85 8.04 11.58 -22.23
N GLU A 86 9.34 11.51 -22.45
CA GLU A 86 9.88 10.92 -23.67
C GLU A 86 9.44 9.47 -23.84
N GLU A 87 9.66 8.65 -22.82
CA GLU A 87 9.26 7.24 -22.88
C GLU A 87 7.76 7.09 -23.10
N ALA A 88 6.98 7.91 -22.41
CA ALA A 88 5.53 7.85 -22.53
C ALA A 88 5.08 8.26 -23.92
N CYS A 89 5.76 9.26 -24.48
CA CYS A 89 5.44 9.74 -25.82
C CYS A 89 5.72 8.62 -26.83
N LYS A 90 6.81 7.90 -26.62
CA LYS A 90 7.19 6.81 -27.52
C LYS A 90 6.16 5.67 -27.50
N LEU A 91 5.37 5.60 -26.45
CA LEU A 91 4.36 4.55 -26.33
C LEU A 91 3.04 4.89 -27.04
N THR A 92 2.96 6.09 -27.61
CA THR A 92 1.74 6.53 -28.29
C THR A 92 1.61 6.11 -29.74
N PRO A 93 0.50 5.41 -30.07
CA PRO A 93 0.22 4.93 -31.41
C PRO A 93 0.22 6.10 -32.40
N PRO A 94 0.88 5.92 -33.55
CA PRO A 94 0.95 6.97 -34.58
C PRO A 94 -0.42 7.51 -34.98
N HIS A 95 -1.44 6.67 -34.88
CA HIS A 95 -2.78 7.09 -35.26
C HIS A 95 -3.76 7.23 -34.08
N SER A 96 -3.22 7.61 -32.93
CA SER A 96 -4.02 7.81 -31.72
C SER A 96 -4.78 9.13 -31.88
N ALA A 97 -5.96 9.22 -31.26
CA ALA A 97 -6.78 10.41 -31.37
C ALA A 97 -5.96 11.67 -31.06
N LYS A 98 -6.06 12.66 -31.94
CA LYS A 98 -5.31 13.90 -31.73
C LYS A 98 -5.91 14.68 -30.57
N SER A 99 -5.08 15.50 -29.92
CA SER A 99 -5.54 16.31 -28.81
C SER A 99 -6.35 17.47 -29.35
N LYS A 100 -7.16 18.09 -28.50
CA LYS A 100 -7.94 19.24 -28.91
C LYS A 100 -7.17 20.50 -28.53
N PHE A 101 -5.91 20.32 -28.12
CA PHE A 101 -5.11 21.46 -27.72
C PHE A 101 -3.98 21.87 -28.68
N GLY A 102 -4.20 21.63 -29.97
CA GLY A 102 -3.23 22.01 -30.98
C GLY A 102 -2.15 21.04 -31.42
N TYR A 103 -2.32 19.75 -31.19
CA TYR A 103 -1.30 18.79 -31.59
C TYR A 103 -1.88 17.39 -31.73
N GLY A 104 -1.22 16.56 -32.52
CA GLY A 104 -1.70 15.21 -32.73
C GLY A 104 -0.69 14.16 -32.30
N ALA A 105 -1.00 12.89 -32.58
CA ALA A 105 -0.14 11.77 -32.20
C ALA A 105 1.27 11.83 -32.80
N LYS A 106 1.36 12.36 -34.01
CA LYS A 106 2.65 12.47 -34.70
C LYS A 106 3.55 13.43 -33.92
N ASP A 107 2.95 14.53 -33.47
CA ASP A 107 3.69 15.54 -32.72
C ASP A 107 4.17 14.98 -31.38
N VAL A 108 3.35 14.16 -30.74
CA VAL A 108 3.74 13.56 -29.46
C VAL A 108 4.93 12.63 -29.70
N ARG A 109 4.88 11.83 -30.77
CA ARG A 109 5.96 10.90 -31.07
C ARG A 109 7.26 11.62 -31.46
N ASN A 110 7.15 12.83 -32.01
CA ASN A 110 8.33 13.58 -32.40
C ASN A 110 8.86 14.47 -31.27
N LEU A 111 8.11 14.53 -30.19
CA LEU A 111 8.47 15.34 -29.03
C LEU A 111 8.48 16.83 -29.37
N SER A 112 7.52 17.26 -30.20
CA SER A 112 7.44 18.66 -30.58
C SER A 112 7.21 19.49 -29.32
N SER A 113 7.77 20.69 -29.29
CA SER A 113 7.66 21.56 -28.14
C SER A 113 6.22 21.76 -27.66
N ARG A 114 5.30 21.99 -28.57
CA ARG A 114 3.91 22.22 -28.21
C ARG A 114 3.29 21.02 -27.49
N ALA A 115 3.47 19.83 -28.04
CA ALA A 115 2.92 18.62 -27.44
C ALA A 115 3.51 18.41 -26.04
N VAL A 116 4.83 18.39 -25.97
CA VAL A 116 5.54 18.20 -24.71
C VAL A 116 5.21 19.25 -23.66
N ASN A 117 5.07 20.50 -24.09
CA ASN A 117 4.72 21.59 -23.18
C ASN A 117 3.32 21.38 -22.62
N HIS A 118 2.37 21.08 -23.49
CA HIS A 118 1.01 20.86 -23.03
C HIS A 118 0.97 19.60 -22.15
N ILE A 119 1.74 18.58 -22.49
CA ILE A 119 1.74 17.36 -21.66
C ILE A 119 2.23 17.68 -20.24
N ARG A 120 3.29 18.48 -20.12
CA ARG A 120 3.80 18.84 -18.80
C ARG A 120 2.75 19.60 -17.99
N SER A 121 2.05 20.54 -18.64
CA SER A 121 1.04 21.31 -17.92
C SER A 121 -0.08 20.40 -17.43
N VAL A 122 -0.39 19.36 -18.19
CA VAL A 122 -1.43 18.43 -17.77
C VAL A 122 -0.94 17.63 -16.56
N TRP A 123 0.33 17.25 -16.57
CA TRP A 123 0.91 16.48 -15.46
C TRP A 123 0.86 17.33 -14.20
N GLU A 124 1.38 18.54 -14.30
CA GLU A 124 1.42 19.48 -13.19
C GLU A 124 -0.01 19.79 -12.67
N ASP A 125 -0.99 19.84 -13.56
CA ASP A 125 -2.37 20.08 -13.13
C ASP A 125 -2.83 18.88 -12.29
N LEU A 126 -2.42 17.68 -12.70
CA LEU A 126 -2.77 16.46 -11.95
C LEU A 126 -2.15 16.51 -10.55
N LEU A 127 -0.97 17.10 -10.42
CA LEU A 127 -0.33 17.17 -9.09
C LEU A 127 -0.95 18.23 -8.19
N GLU A 128 -1.64 19.20 -8.78
CA GLU A 128 -2.22 20.30 -8.02
C GLU A 128 -3.69 20.19 -7.71
N ASP A 129 -4.46 19.75 -8.70
CA ASP A 129 -5.90 19.62 -8.59
C ASP A 129 -6.22 18.14 -8.33
N THR A 130 -6.73 17.86 -7.14
CA THR A 130 -7.06 16.49 -6.76
C THR A 130 -8.53 16.18 -6.93
N GLU A 131 -9.32 17.11 -7.45
CA GLU A 131 -10.75 16.87 -7.56
C GLU A 131 -11.51 17.19 -8.85
N THR A 132 -11.14 18.22 -9.59
CA THR A 132 -11.89 18.58 -10.80
C THR A 132 -12.03 17.42 -11.78
N PRO A 133 -13.28 17.04 -12.11
CA PRO A 133 -13.40 15.93 -13.06
C PRO A 133 -12.81 16.26 -14.44
N ILE A 134 -12.10 15.28 -14.99
CA ILE A 134 -11.48 15.42 -16.29
C ILE A 134 -12.43 15.01 -17.40
N ASP A 135 -12.43 15.80 -18.48
CA ASP A 135 -13.31 15.52 -19.62
C ASP A 135 -12.99 14.22 -20.34
N THR A 136 -14.01 13.65 -20.97
CA THR A 136 -13.86 12.43 -21.75
C THR A 136 -14.78 12.53 -22.95
N THR A 137 -14.39 11.87 -24.03
CA THR A 137 -15.20 11.84 -25.24
C THR A 137 -15.86 10.48 -25.30
N ILE A 138 -17.16 10.45 -25.60
CA ILE A 138 -17.85 9.17 -25.73
C ILE A 138 -18.19 8.98 -27.20
N MET A 139 -17.82 7.82 -27.75
CA MET A 139 -18.08 7.51 -29.16
C MET A 139 -18.68 6.11 -29.25
N ALA A 140 -19.29 5.82 -30.39
CA ALA A 140 -19.86 4.50 -30.64
C ALA A 140 -18.75 3.79 -31.42
N LYS A 141 -18.35 2.61 -30.95
CA LYS A 141 -17.28 1.84 -31.58
C LYS A 141 -17.73 1.14 -32.86
N SER A 142 -16.85 1.11 -33.84
CA SER A 142 -17.11 0.47 -35.13
C SER A 142 -16.49 -0.93 -35.16
N GLU A 143 -17.30 -1.96 -34.97
CA GLU A 143 -16.83 -3.36 -34.98
C GLU A 143 -17.60 -4.24 -35.96
N VAL A 144 -16.91 -5.17 -36.62
CA VAL A 144 -17.54 -6.04 -37.61
C VAL A 144 -17.97 -7.42 -37.13
N PHE A 145 -19.17 -7.82 -37.51
CA PHE A 145 -19.72 -9.12 -37.12
C PHE A 145 -20.52 -9.76 -38.24
N CYS A 146 -21.03 -10.96 -37.95
CA CYS A 146 -21.87 -11.70 -38.88
C CYS A 146 -23.26 -11.67 -38.25
N VAL A 147 -24.29 -11.43 -39.03
CA VAL A 147 -25.65 -11.40 -38.47
C VAL A 147 -25.92 -12.68 -37.69
N GLN A 148 -26.87 -12.62 -36.78
CA GLN A 148 -27.21 -13.78 -35.96
C GLN A 148 -28.61 -14.30 -36.30
N PRO A 149 -28.82 -15.61 -36.10
CA PRO A 149 -30.12 -16.25 -36.38
C PRO A 149 -31.25 -15.58 -35.59
N ARG A 154 -29.10 -8.23 -34.44
CA ARG A 154 -27.71 -7.69 -34.57
C ARG A 154 -27.19 -7.10 -33.26
N LYS A 155 -25.88 -6.90 -33.17
CA LYS A 155 -25.28 -6.35 -31.96
C LYS A 155 -25.18 -4.82 -31.98
N PRO A 156 -25.63 -4.16 -30.91
CA PRO A 156 -25.53 -2.70 -30.88
C PRO A 156 -24.08 -2.35 -30.62
N ALA A 157 -23.64 -1.20 -31.11
CA ALA A 157 -22.26 -0.78 -30.93
C ALA A 157 -21.85 -0.62 -29.47
N ARG A 158 -20.59 -0.91 -29.19
CA ARG A 158 -20.06 -0.73 -27.85
C ARG A 158 -19.76 0.75 -27.70
N LEU A 159 -19.74 1.22 -26.46
CA LEU A 159 -19.48 2.62 -26.17
C LEU A 159 -18.07 2.81 -25.65
N ILE A 160 -17.27 3.62 -26.35
CA ILE A 160 -15.91 3.87 -25.90
C ILE A 160 -15.77 5.27 -25.29
N VAL A 161 -15.12 5.32 -24.13
CA VAL A 161 -14.94 6.57 -23.42
C VAL A 161 -13.47 6.81 -23.15
N PHE A 162 -12.95 7.96 -23.58
CA PHE A 162 -11.53 8.26 -23.39
C PHE A 162 -11.24 9.74 -23.20
N PRO A 163 -10.16 10.06 -22.46
CA PRO A 163 -9.77 11.45 -22.20
C PRO A 163 -8.84 11.95 -23.30
N ASP A 164 -8.56 13.24 -23.29
CA ASP A 164 -7.69 13.83 -24.30
C ASP A 164 -6.28 13.23 -24.26
N LEU A 165 -5.59 13.32 -25.40
CA LEU A 165 -4.24 12.79 -25.57
C LEU A 165 -3.23 13.25 -24.52
N GLY A 166 -3.31 14.52 -24.10
CA GLY A 166 -2.39 14.99 -23.08
C GLY A 166 -2.52 14.10 -21.85
N VAL A 167 -3.75 13.88 -21.42
CA VAL A 167 -4.05 13.03 -20.28
C VAL A 167 -3.56 11.59 -20.51
N ARG A 168 -3.86 11.04 -21.68
CA ARG A 168 -3.43 9.67 -21.96
C ARG A 168 -1.92 9.51 -21.85
N VAL A 169 -1.17 10.54 -22.21
CA VAL A 169 0.29 10.46 -22.09
C VAL A 169 0.68 10.50 -20.61
N CYS A 170 -0.01 11.32 -19.83
CA CYS A 170 0.27 11.40 -18.40
C CYS A 170 -0.03 10.09 -17.71
N GLU A 171 -1.09 9.40 -18.14
CA GLU A 171 -1.44 8.12 -17.54
C GLU A 171 -0.25 7.16 -17.66
N LYS A 172 0.36 7.11 -18.85
CA LYS A 172 1.50 6.23 -19.08
C LYS A 172 2.65 6.53 -18.13
N MET A 173 2.97 7.82 -17.96
CA MET A 173 4.06 8.22 -17.09
C MET A 173 3.89 7.67 -15.68
N ALA A 174 2.67 7.79 -15.16
CA ALA A 174 2.38 7.35 -13.81
C ALA A 174 2.05 5.88 -13.61
N LEU A 175 1.40 5.28 -14.60
CA LEU A 175 0.95 3.90 -14.45
C LEU A 175 1.39 2.84 -15.46
N TYR A 176 2.13 3.22 -16.49
CA TYR A 176 2.54 2.20 -17.46
C TYR A 176 3.27 1.04 -16.79
N ASP A 177 4.28 1.35 -15.99
CA ASP A 177 5.04 0.30 -15.32
C ASP A 177 4.15 -0.47 -14.34
N VAL A 178 3.22 0.23 -13.70
CA VAL A 178 2.32 -0.41 -12.76
C VAL A 178 1.42 -1.44 -13.43
N VAL A 179 0.63 -1.02 -14.42
CA VAL A 179 -0.29 -1.96 -15.08
C VAL A 179 0.43 -3.02 -15.89
N SER A 180 1.74 -2.85 -16.10
CA SER A 180 2.52 -3.82 -16.85
C SER A 180 3.18 -4.86 -15.94
N THR A 181 3.30 -4.55 -14.65
CA THR A 181 3.98 -5.43 -13.71
C THR A 181 3.19 -5.95 -12.51
N LEU A 182 2.28 -5.13 -11.99
CA LEU A 182 1.52 -5.50 -10.82
C LEU A 182 0.59 -6.69 -10.93
N PRO A 183 -0.18 -6.80 -12.03
CA PRO A 183 -1.12 -7.93 -12.22
C PRO A 183 -0.44 -9.29 -11.98
N GLN A 184 0.67 -9.50 -12.67
CA GLN A 184 1.44 -10.72 -12.54
C GLN A 184 1.90 -10.96 -11.10
N ALA A 185 2.43 -9.92 -10.47
CA ALA A 185 2.90 -10.06 -9.10
C ALA A 185 1.77 -10.41 -8.14
N VAL A 186 0.59 -9.86 -8.38
CA VAL A 186 -0.55 -10.11 -7.51
C VAL A 186 -1.31 -11.41 -7.81
N MET A 187 -1.52 -11.69 -9.09
CA MET A 187 -2.29 -12.88 -9.47
C MET A 187 -1.51 -14.12 -9.85
N GLY A 188 -0.22 -13.97 -10.10
CA GLY A 188 0.61 -15.11 -10.45
C GLY A 188 0.17 -15.83 -11.72
N SER A 189 0.14 -17.16 -11.67
CA SER A 189 -0.22 -17.95 -12.84
C SER A 189 -1.64 -17.71 -13.32
N SER A 190 -2.45 -17.08 -12.48
CA SER A 190 -3.83 -16.79 -12.86
C SER A 190 -3.98 -15.60 -13.80
N TYR A 191 -2.93 -14.80 -13.97
CA TYR A 191 -2.99 -13.64 -14.87
C TYR A 191 -2.82 -14.13 -16.31
N GLY A 192 -3.89 -14.03 -17.08
CA GLY A 192 -3.87 -14.52 -18.46
C GLY A 192 -2.98 -13.87 -19.49
N PHE A 193 -2.86 -12.55 -19.45
CA PHE A 193 -2.06 -11.85 -20.45
C PHE A 193 -0.55 -12.15 -20.47
N GLN A 194 -0.06 -12.94 -19.50
CA GLN A 194 1.36 -13.29 -19.45
C GLN A 194 1.66 -14.47 -20.37
N TYR A 195 0.59 -15.12 -20.84
CA TYR A 195 0.72 -16.28 -21.72
C TYR A 195 0.48 -15.99 -23.18
N SER A 196 1.21 -16.73 -24.01
CA SER A 196 1.07 -16.66 -25.45
C SER A 196 -0.02 -17.70 -25.66
N PRO A 197 -0.58 -17.83 -26.87
CA PRO A 197 -1.64 -18.83 -27.05
C PRO A 197 -1.22 -20.24 -26.60
N LYS A 198 0.01 -20.63 -26.95
CA LYS A 198 0.51 -21.95 -26.60
C LYS A 198 0.69 -22.12 -25.09
N GLN A 199 1.15 -21.09 -24.41
CA GLN A 199 1.35 -21.16 -22.97
C GLN A 199 -0.01 -21.19 -22.25
N ARG A 200 -0.99 -20.49 -22.82
CA ARG A 200 -2.34 -20.45 -22.25
C ARG A 200 -2.92 -21.86 -22.32
N VAL A 201 -2.75 -22.50 -23.47
CA VAL A 201 -3.24 -23.86 -23.69
C VAL A 201 -2.56 -24.78 -22.69
N GLU A 202 -1.25 -24.60 -22.53
CA GLU A 202 -0.48 -25.41 -21.60
C GLU A 202 -0.99 -25.22 -20.18
N PHE A 203 -1.30 -23.99 -19.80
CA PHE A 203 -1.80 -23.74 -18.45
C PHE A 203 -3.18 -24.38 -18.23
N LEU A 204 -4.10 -24.19 -19.18
CA LEU A 204 -5.44 -24.76 -19.05
C LEU A 204 -5.39 -26.28 -19.01
N VAL A 205 -4.59 -26.87 -19.89
CA VAL A 205 -4.46 -28.31 -19.95
C VAL A 205 -3.84 -28.87 -18.66
N ASN A 206 -2.72 -28.29 -18.25
CA ASN A 206 -2.09 -28.79 -17.04
C ASN A 206 -3.00 -28.66 -15.84
N THR A 207 -3.66 -27.51 -15.72
CA THR A 207 -4.57 -27.28 -14.60
C THR A 207 -5.67 -28.33 -14.60
N TRP A 208 -6.20 -28.63 -15.78
CA TRP A 208 -7.26 -29.61 -15.90
C TRP A 208 -6.78 -30.99 -15.44
N LYS A 209 -5.64 -31.43 -15.96
CA LYS A 209 -5.07 -32.73 -15.62
C LYS A 209 -4.60 -32.85 -14.17
N SER A 210 -4.56 -31.75 -13.45
CA SER A 210 -4.10 -31.77 -12.07
C SER A 210 -5.23 -32.07 -11.08
N LYS A 211 -6.46 -31.96 -11.55
CA LYS A 211 -7.61 -32.23 -10.67
C LYS A 211 -7.92 -33.72 -10.70
N LYS A 212 -8.42 -34.24 -9.59
CA LYS A 212 -8.77 -35.65 -9.49
C LYS A 212 -10.01 -35.88 -10.37
N CYS A 213 -10.90 -34.89 -10.39
CA CYS A 213 -12.12 -34.93 -11.21
C CYS A 213 -12.45 -33.48 -11.55
N PRO A 214 -11.89 -32.98 -12.66
CA PRO A 214 -12.05 -31.62 -13.15
C PRO A 214 -13.47 -31.22 -13.55
N MET A 215 -13.79 -29.96 -13.24
CA MET A 215 -15.07 -29.33 -13.57
C MET A 215 -14.71 -27.88 -13.85
N GLY A 216 -15.16 -27.37 -14.98
CA GLY A 216 -14.84 -26.01 -15.33
C GLY A 216 -15.99 -25.23 -15.90
N PHE A 217 -15.89 -23.92 -15.81
CA PHE A 217 -16.92 -23.06 -16.35
C PHE A 217 -16.36 -21.68 -16.67
N SER A 218 -16.89 -21.07 -17.73
CA SER A 218 -16.50 -19.72 -18.09
C SER A 218 -17.63 -18.92 -17.44
N TYR A 219 -17.34 -17.70 -17.01
CA TYR A 219 -18.34 -16.85 -16.37
C TYR A 219 -18.40 -15.51 -17.07
N ASP A 220 -19.49 -15.28 -17.78
CA ASP A 220 -19.71 -14.05 -18.52
C ASP A 220 -20.45 -13.05 -17.66
N THR A 221 -19.78 -11.96 -17.27
CA THR A 221 -20.43 -10.93 -16.47
C THR A 221 -21.18 -10.01 -17.42
N ARG A 222 -22.39 -9.64 -17.05
CA ARG A 222 -23.22 -8.77 -17.88
C ARG A 222 -22.60 -7.37 -18.01
N CYS A 223 -22.06 -7.05 -19.18
CA CYS A 223 -21.45 -5.73 -19.41
C CYS A 223 -20.60 -5.34 -18.20
N PHE A 224 -19.46 -6.02 -18.05
CA PHE A 224 -18.58 -5.80 -16.91
C PHE A 224 -18.25 -4.35 -16.53
N ASP A 225 -17.79 -3.56 -17.50
CA ASP A 225 -17.41 -2.18 -17.22
C ASP A 225 -18.46 -1.37 -16.45
N SER A 226 -19.73 -1.53 -16.85
CA SER A 226 -20.79 -0.79 -16.20
C SER A 226 -21.10 -1.30 -14.81
N THR A 227 -20.57 -2.47 -14.45
CA THR A 227 -20.80 -3.03 -13.11
C THR A 227 -19.75 -2.57 -12.12
N VAL A 228 -18.63 -2.07 -12.62
CA VAL A 228 -17.56 -1.59 -11.77
C VAL A 228 -18.05 -0.35 -11.03
N THR A 229 -18.00 -0.40 -9.71
CA THR A 229 -18.46 0.69 -8.86
C THR A 229 -17.33 1.61 -8.43
N GLU A 230 -17.72 2.70 -7.78
CA GLU A 230 -16.76 3.66 -7.27
C GLU A 230 -15.88 2.96 -6.25
N SER A 231 -16.48 2.10 -5.42
CA SER A 231 -15.74 1.35 -4.41
C SER A 231 -14.70 0.43 -5.07
N ASP A 232 -15.09 -0.22 -6.17
CA ASP A 232 -14.17 -1.10 -6.91
C ASP A 232 -12.94 -0.35 -7.40
N ILE A 233 -13.15 0.87 -7.87
CA ILE A 233 -12.07 1.68 -8.40
C ILE A 233 -11.13 2.20 -7.32
N ARG A 234 -11.66 2.45 -6.13
CA ARG A 234 -10.86 2.92 -5.02
C ARG A 234 -10.10 1.72 -4.43
N VAL A 235 -10.78 0.57 -4.38
CA VAL A 235 -10.17 -0.66 -3.87
C VAL A 235 -9.00 -0.99 -4.80
N GLU A 236 -9.26 -0.87 -6.10
CA GLU A 236 -8.23 -1.12 -7.09
C GLU A 236 -7.04 -0.17 -6.88
N GLU A 237 -7.33 1.12 -6.63
CA GLU A 237 -6.27 2.08 -6.36
C GLU A 237 -5.53 1.74 -5.06
N SER A 238 -6.26 1.26 -4.05
CA SER A 238 -5.60 0.93 -2.79
C SER A 238 -4.59 -0.18 -3.08
N ILE A 239 -4.80 -0.93 -4.15
CA ILE A 239 -3.85 -1.99 -4.53
C ILE A 239 -2.62 -1.37 -5.16
N TYR A 240 -2.82 -0.44 -6.09
CA TYR A 240 -1.71 0.25 -6.75
C TYR A 240 -0.87 1.02 -5.75
N GLN A 241 -1.51 1.55 -4.71
CA GLN A 241 -0.81 2.35 -3.71
C GLN A 241 0.16 1.54 -2.85
N CYS A 242 0.10 0.22 -2.91
CA CYS A 242 1.01 -0.63 -2.12
C CYS A 242 2.39 -0.70 -2.80
N CYS A 243 2.46 -0.29 -4.06
CA CYS A 243 3.73 -0.30 -4.79
C CYS A 243 4.62 0.81 -4.25
N ASP A 244 5.93 0.62 -4.34
CA ASP A 244 6.81 1.70 -3.95
C ASP A 244 6.68 2.64 -5.14
N LEU A 245 6.37 3.91 -4.89
CA LEU A 245 6.18 4.87 -5.97
C LEU A 245 6.83 6.23 -5.74
N ALA A 246 7.18 6.89 -6.84
CA ALA A 246 7.76 8.23 -6.77
C ALA A 246 6.59 9.07 -6.26
N PRO A 247 6.89 10.11 -5.47
CA PRO A 247 5.89 11.02 -4.91
C PRO A 247 4.87 11.53 -5.93
N GLU A 248 5.35 12.11 -7.01
CA GLU A 248 4.46 12.64 -8.05
C GLU A 248 3.60 11.54 -8.66
N ALA A 249 4.14 10.33 -8.74
CA ALA A 249 3.37 9.22 -9.32
C ALA A 249 2.22 8.85 -8.39
N ARG A 250 2.53 8.81 -7.10
CA ARG A 250 1.54 8.47 -6.08
C ARG A 250 0.40 9.49 -6.16
N GLN A 251 0.76 10.75 -6.31
CA GLN A 251 -0.23 11.83 -6.41
C GLN A 251 -1.00 11.74 -7.74
N ALA A 252 -0.29 11.49 -8.84
CA ALA A 252 -0.94 11.39 -10.15
C ALA A 252 -1.97 10.26 -10.13
N ILE A 253 -1.63 9.17 -9.45
CA ILE A 253 -2.54 8.03 -9.33
C ILE A 253 -3.74 8.41 -8.46
N ARG A 254 -3.48 9.17 -7.41
CA ARG A 254 -4.54 9.61 -6.51
C ARG A 254 -5.51 10.55 -7.24
N SER A 255 -4.96 11.52 -7.97
CA SER A 255 -5.78 12.47 -8.71
C SER A 255 -6.52 11.84 -9.88
N LEU A 256 -5.81 11.01 -10.65
CA LEU A 256 -6.41 10.32 -11.78
C LEU A 256 -7.55 9.38 -11.34
N THR A 257 -7.41 8.78 -10.17
CA THR A 257 -8.45 7.87 -9.67
C THR A 257 -9.75 8.64 -9.43
N GLU A 258 -9.65 9.76 -8.72
CA GLU A 258 -10.81 10.60 -8.39
C GLU A 258 -11.35 11.45 -9.52
N ARG A 259 -10.48 11.84 -10.46
CA ARG A 259 -10.88 12.71 -11.56
C ARG A 259 -11.20 12.03 -12.87
N LEU A 260 -10.65 10.83 -13.07
CA LEU A 260 -10.86 10.11 -14.31
C LEU A 260 -11.45 8.70 -14.17
N TYR A 261 -10.79 7.84 -13.41
CA TYR A 261 -11.24 6.46 -13.27
C TYR A 261 -12.57 6.18 -12.59
N ILE A 262 -12.91 6.86 -11.50
CA ILE A 262 -14.20 6.57 -10.87
C ILE A 262 -15.37 7.10 -11.68
N GLY A 263 -15.10 8.03 -12.59
CA GLY A 263 -16.15 8.58 -13.40
C GLY A 263 -15.86 10.00 -13.85
N GLY A 264 -16.80 10.59 -14.60
CA GLY A 264 -16.65 11.95 -15.07
C GLY A 264 -17.65 12.37 -16.12
N PRO A 265 -17.55 13.61 -16.63
CA PRO A 265 -18.50 14.07 -17.66
C PRO A 265 -18.25 13.42 -19.01
N LEU A 266 -19.32 13.23 -19.78
CA LEU A 266 -19.25 12.62 -21.09
C LEU A 266 -19.60 13.66 -22.15
N THR A 267 -18.72 13.83 -23.14
CA THR A 267 -18.92 14.79 -24.22
C THR A 267 -18.92 14.09 -25.59
N ASN A 268 -19.86 14.42 -26.46
CA ASN A 268 -19.89 13.79 -27.77
C ASN A 268 -18.98 14.50 -28.76
N SER A 269 -18.88 13.96 -29.97
CA SER A 269 -18.02 14.53 -31.00
C SER A 269 -18.34 15.98 -31.32
N LYS A 270 -19.58 16.37 -31.09
CA LYS A 270 -20.02 17.74 -31.36
C LYS A 270 -19.65 18.74 -30.25
N GLY A 271 -19.18 18.23 -29.10
CA GLY A 271 -18.80 19.10 -28.00
C GLY A 271 -19.93 19.32 -27.01
N GLN A 272 -21.00 18.53 -27.16
CA GLN A 272 -22.16 18.64 -26.29
C GLN A 272 -22.08 17.71 -25.07
N ASN A 273 -22.61 18.17 -23.95
CA ASN A 273 -22.63 17.37 -22.73
C ASN A 273 -23.63 16.22 -22.89
N CYS A 274 -23.13 14.98 -22.92
CA CYS A 274 -23.99 13.81 -23.08
C CYS A 274 -24.52 13.26 -21.78
N GLY A 275 -23.74 13.44 -20.72
CA GLY A 275 -24.15 12.94 -19.42
C GLY A 275 -22.97 12.70 -18.50
N TYR A 276 -23.09 11.69 -17.64
CA TYR A 276 -22.03 11.40 -16.67
C TYR A 276 -21.82 9.89 -16.50
N ARG A 277 -20.57 9.52 -16.22
CA ARG A 277 -20.18 8.13 -16.02
C ARG A 277 -19.77 7.92 -14.55
N ARG A 278 -20.21 6.81 -13.95
CA ARG A 278 -19.81 6.49 -12.59
C ARG A 278 -19.33 5.05 -12.59
N CYS A 279 -18.76 4.63 -13.73
CA CYS A 279 -18.27 3.28 -13.87
C CYS A 279 -17.00 3.27 -14.72
N ARG A 280 -16.52 2.08 -15.04
CA ARG A 280 -15.30 1.93 -15.83
C ARG A 280 -15.37 2.53 -17.22
N ALA A 281 -14.40 3.38 -17.53
CA ALA A 281 -14.30 3.97 -18.85
C ALA A 281 -13.46 2.91 -19.61
N SER A 282 -13.88 2.54 -20.81
CA SER A 282 -13.13 1.54 -21.59
C SER A 282 -11.80 2.04 -22.15
N GLY A 283 -11.67 3.35 -22.34
CA GLY A 283 -10.45 3.87 -22.93
C GLY A 283 -9.40 4.59 -22.09
N VAL A 284 -9.02 4.01 -20.96
CA VAL A 284 -7.99 4.60 -20.13
C VAL A 284 -6.96 3.52 -19.90
N LEU A 285 -5.75 3.90 -19.50
CA LEU A 285 -4.67 2.92 -19.33
C LEU A 285 -4.93 1.78 -18.34
N THR A 286 -5.65 2.06 -17.27
CA THR A 286 -5.94 1.09 -16.23
C THR A 286 -7.15 0.17 -16.47
N THR A 287 -7.83 0.29 -17.61
CA THR A 287 -8.99 -0.55 -17.82
C THR A 287 -8.75 -2.07 -17.77
N SER A 288 -7.72 -2.51 -18.47
CA SER A 288 -7.39 -3.94 -18.54
C SER A 288 -6.89 -4.44 -17.18
N CYS A 289 -5.91 -3.74 -16.62
CA CYS A 289 -5.37 -4.13 -15.33
C CYS A 289 -6.46 -4.08 -14.26
N GLY A 290 -7.18 -2.96 -14.19
CA GLY A 290 -8.23 -2.81 -13.21
C GLY A 290 -9.32 -3.85 -13.33
N ASN A 291 -9.78 -4.12 -14.55
CA ASN A 291 -10.80 -5.14 -14.75
C ASN A 291 -10.30 -6.53 -14.34
N THR A 292 -9.04 -6.86 -14.64
CA THR A 292 -8.51 -8.18 -14.28
C THR A 292 -8.43 -8.34 -12.76
N LEU A 293 -7.96 -7.31 -12.08
CA LEU A 293 -7.87 -7.33 -10.62
C LEU A 293 -9.26 -7.43 -10.00
N THR A 294 -10.17 -6.59 -10.47
CA THR A 294 -11.54 -6.57 -9.96
C THR A 294 -12.23 -7.92 -10.15
N CYS A 295 -12.09 -8.50 -11.34
CA CYS A 295 -12.72 -9.78 -11.66
C CYS A 295 -12.09 -10.92 -10.84
N TYR A 296 -10.77 -10.89 -10.72
CA TYR A 296 -10.05 -11.91 -9.96
C TYR A 296 -10.42 -11.84 -8.48
N LEU A 297 -10.56 -10.62 -7.97
CA LEU A 297 -10.91 -10.41 -6.56
C LEU A 297 -12.30 -10.98 -6.25
N LYS A 298 -13.31 -10.56 -7.01
CA LYS A 298 -14.67 -11.03 -6.79
C LYS A 298 -14.80 -12.55 -6.97
N ALA A 299 -14.26 -13.07 -8.07
CA ALA A 299 -14.33 -14.50 -8.36
C ALA A 299 -13.64 -15.35 -7.29
N THR A 300 -12.43 -14.96 -6.88
CA THR A 300 -11.70 -15.71 -5.86
C THR A 300 -12.50 -15.74 -4.56
N ALA A 301 -13.05 -14.60 -4.17
CA ALA A 301 -13.85 -14.53 -2.95
C ALA A 301 -15.14 -15.30 -3.17
N ALA A 302 -15.72 -15.18 -4.36
CA ALA A 302 -16.97 -15.86 -4.65
C ALA A 302 -16.84 -17.37 -4.51
N CYS A 303 -15.71 -17.91 -4.95
CA CYS A 303 -15.48 -19.34 -4.85
C CYS A 303 -15.54 -19.83 -3.42
N ARG A 304 -14.86 -19.12 -2.51
CA ARG A 304 -14.86 -19.51 -1.10
C ARG A 304 -16.28 -19.45 -0.56
N ALA A 305 -17.01 -18.41 -0.94
CA ALA A 305 -18.39 -18.25 -0.49
C ALA A 305 -19.25 -19.42 -0.96
N ALA A 306 -19.08 -19.80 -2.23
CA ALA A 306 -19.86 -20.88 -2.82
C ALA A 306 -19.40 -22.30 -2.46
N LYS A 307 -18.26 -22.39 -1.79
CA LYS A 307 -17.70 -23.67 -1.39
C LYS A 307 -17.24 -24.50 -2.58
N LEU A 308 -16.70 -23.84 -3.60
CA LEU A 308 -16.18 -24.52 -4.77
C LEU A 308 -14.81 -25.02 -4.33
N GLN A 309 -14.48 -26.26 -4.66
CA GLN A 309 -13.20 -26.85 -4.25
C GLN A 309 -12.04 -26.66 -5.23
N ASP A 310 -10.90 -26.22 -4.69
CA ASP A 310 -9.67 -25.98 -5.44
C ASP A 310 -9.90 -25.20 -6.71
N CYS A 311 -10.35 -23.97 -6.54
CA CYS A 311 -10.62 -23.09 -7.66
C CYS A 311 -9.38 -22.52 -8.32
N THR A 312 -9.13 -22.91 -9.56
CA THR A 312 -8.01 -22.34 -10.27
C THR A 312 -8.62 -21.38 -11.29
N MET A 313 -8.14 -20.15 -11.31
CA MET A 313 -8.68 -19.16 -12.20
C MET A 313 -7.69 -18.66 -13.23
N LEU A 314 -8.23 -18.20 -14.34
CA LEU A 314 -7.45 -17.63 -15.42
C LEU A 314 -8.29 -16.43 -15.83
N VAL A 315 -7.73 -15.24 -15.62
CA VAL A 315 -8.42 -13.99 -15.90
C VAL A 315 -7.70 -13.07 -16.89
N ASN A 316 -8.48 -12.53 -17.82
CA ASN A 316 -8.02 -11.58 -18.85
C ASN A 316 -9.08 -10.49 -18.85
N GLY A 317 -8.85 -9.41 -18.11
CA GLY A 317 -9.83 -8.35 -18.04
C GLY A 317 -11.12 -8.89 -17.42
N ASP A 318 -12.24 -8.70 -18.12
CA ASP A 318 -13.54 -9.17 -17.65
C ASP A 318 -13.82 -10.61 -18.06
N ASP A 319 -12.87 -11.24 -18.72
CA ASP A 319 -13.06 -12.62 -19.16
C ASP A 319 -12.50 -13.54 -18.08
N LEU A 320 -13.33 -14.48 -17.64
CA LEU A 320 -12.97 -15.39 -16.56
C LEU A 320 -13.35 -16.83 -16.82
N VAL A 321 -12.39 -17.72 -16.54
CA VAL A 321 -12.62 -19.15 -16.67
C VAL A 321 -12.12 -19.79 -15.36
N VAL A 322 -12.87 -20.76 -14.88
CA VAL A 322 -12.53 -21.39 -13.63
C VAL A 322 -12.50 -22.92 -13.72
N ILE A 323 -11.45 -23.50 -13.14
CA ILE A 323 -11.27 -24.94 -13.15
C ILE A 323 -11.17 -25.42 -11.70
N CYS A 324 -12.05 -26.35 -11.32
CA CYS A 324 -12.01 -26.83 -9.95
C CYS A 324 -12.27 -28.33 -9.80
N GLU A 325 -12.33 -28.79 -8.55
CA GLU A 325 -12.58 -30.20 -8.26
C GLU A 325 -14.06 -30.46 -8.17
N SER A 326 -14.54 -31.43 -8.95
CA SER A 326 -15.96 -31.77 -8.95
C SER A 326 -16.37 -32.41 -7.64
N ALA A 327 -17.61 -32.16 -7.23
CA ALA A 327 -18.14 -32.73 -6.00
C ALA A 327 -19.37 -33.55 -6.36
N GLY A 328 -19.53 -33.82 -7.65
CA GLY A 328 -20.68 -34.56 -8.13
C GLY A 328 -21.49 -33.65 -9.04
N THR A 329 -22.32 -34.23 -9.89
CA THR A 329 -23.14 -33.46 -10.81
C THR A 329 -24.09 -32.46 -10.16
N GLN A 330 -24.96 -32.93 -9.27
CA GLN A 330 -25.91 -32.03 -8.61
C GLN A 330 -25.20 -31.03 -7.69
N GLU A 331 -24.16 -31.49 -7.00
CA GLU A 331 -23.43 -30.62 -6.10
C GLU A 331 -22.74 -29.48 -6.85
N ASP A 332 -22.11 -29.78 -7.98
CA ASP A 332 -21.44 -28.76 -8.78
C ASP A 332 -22.43 -27.68 -9.23
N ALA A 333 -23.61 -28.10 -9.68
CA ALA A 333 -24.64 -27.19 -10.16
C ALA A 333 -25.14 -26.26 -9.05
N ALA A 334 -25.38 -26.82 -7.87
CA ALA A 334 -25.83 -25.98 -6.75
C ALA A 334 -24.74 -24.98 -6.39
N ALA A 335 -23.50 -25.46 -6.30
CA ALA A 335 -22.37 -24.62 -5.95
C ALA A 335 -22.09 -23.54 -7.01
N LEU A 336 -22.32 -23.87 -8.27
CA LEU A 336 -22.11 -22.89 -9.33
C LEU A 336 -23.17 -21.80 -9.14
N ARG A 337 -24.38 -22.21 -8.80
CA ARG A 337 -25.48 -21.25 -8.57
C ARG A 337 -25.16 -20.32 -7.39
N ALA A 338 -24.60 -20.87 -6.31
CA ALA A 338 -24.23 -20.04 -5.16
C ALA A 338 -23.11 -19.09 -5.58
N PHE A 339 -22.18 -19.57 -6.42
CA PHE A 339 -21.06 -18.77 -6.91
C PHE A 339 -21.61 -17.54 -7.60
N THR A 340 -22.58 -17.77 -8.47
CA THR A 340 -23.20 -16.68 -9.23
C THR A 340 -23.92 -15.67 -8.31
N GLU A 341 -24.55 -16.14 -7.24
CA GLU A 341 -25.23 -15.21 -6.34
C GLU A 341 -24.18 -14.37 -5.61
N ALA A 342 -23.04 -14.98 -5.28
CA ALA A 342 -21.96 -14.31 -4.58
C ALA A 342 -21.40 -13.17 -5.45
N MET A 343 -21.14 -13.48 -6.72
CA MET A 343 -20.64 -12.49 -7.67
C MET A 343 -21.66 -11.35 -7.82
N THR A 344 -22.94 -11.73 -7.88
CA THR A 344 -24.02 -10.76 -8.03
C THR A 344 -23.96 -9.79 -6.85
N ARG A 345 -23.84 -10.32 -5.64
CA ARG A 345 -23.73 -9.47 -4.47
C ARG A 345 -22.50 -8.54 -4.60
N TYR A 346 -21.45 -9.03 -5.26
CA TYR A 346 -20.23 -8.23 -5.42
C TYR A 346 -20.34 -7.27 -6.60
N SER A 347 -21.49 -7.30 -7.27
CA SER A 347 -21.75 -6.45 -8.42
C SER A 347 -21.01 -6.95 -9.65
N ALA A 348 -21.22 -8.22 -9.94
CA ALA A 348 -20.64 -8.87 -11.10
C ALA A 348 -21.71 -9.86 -11.53
N PRO A 349 -22.95 -9.36 -11.74
CA PRO A 349 -24.07 -10.20 -12.16
C PRO A 349 -23.77 -10.90 -13.49
N PRO A 350 -24.36 -12.07 -13.71
CA PRO A 350 -24.15 -12.84 -14.93
C PRO A 350 -24.85 -12.34 -16.18
N GLY A 351 -24.22 -12.60 -17.33
CA GLY A 351 -24.79 -12.26 -18.62
C GLY A 351 -25.46 -13.57 -19.03
N ASP A 352 -24.69 -14.46 -19.66
CA ASP A 352 -25.21 -15.76 -20.04
C ASP A 352 -25.04 -16.61 -18.78
N PRO A 353 -26.09 -17.32 -18.35
CA PRO A 353 -25.97 -18.14 -17.13
C PRO A 353 -24.82 -19.14 -17.30
N PRO A 354 -23.91 -19.21 -16.32
CA PRO A 354 -22.78 -20.14 -16.40
C PRO A 354 -23.23 -21.58 -16.23
N GLN A 355 -22.56 -22.49 -16.92
CA GLN A 355 -22.85 -23.92 -16.83
C GLN A 355 -21.57 -24.71 -16.58
N PRO A 356 -21.67 -25.75 -15.74
CA PRO A 356 -20.51 -26.58 -15.44
C PRO A 356 -20.17 -27.45 -16.65
N GLU A 357 -18.88 -27.60 -16.93
CA GLU A 357 -18.43 -28.41 -18.05
C GLU A 357 -17.45 -29.45 -17.54
N TYR A 358 -17.53 -30.66 -18.09
CA TYR A 358 -16.65 -31.76 -17.70
C TYR A 358 -15.74 -32.15 -18.86
N ASP A 359 -15.83 -31.40 -19.96
CA ASP A 359 -15.02 -31.63 -21.15
C ASP A 359 -14.24 -30.34 -21.41
N LEU A 360 -12.94 -30.36 -21.15
CA LEU A 360 -12.09 -29.18 -21.35
C LEU A 360 -12.31 -28.48 -22.68
N GLU A 361 -12.44 -29.26 -23.75
CA GLU A 361 -12.64 -28.69 -25.08
C GLU A 361 -13.95 -27.92 -25.25
N LEU A 362 -14.92 -28.17 -24.39
CA LEU A 362 -16.22 -27.50 -24.48
C LEU A 362 -16.28 -26.18 -23.72
N ILE A 363 -15.15 -25.76 -23.18
CA ILE A 363 -15.10 -24.52 -22.43
C ILE A 363 -14.53 -23.40 -23.28
N THR A 364 -15.34 -22.35 -23.49
CA THR A 364 -14.91 -21.20 -24.25
C THR A 364 -14.51 -20.05 -23.32
N SER A 365 -13.28 -19.58 -23.44
CA SER A 365 -12.78 -18.48 -22.63
C SER A 365 -11.94 -17.59 -23.54
N CYS A 366 -12.10 -16.27 -23.40
CA CYS A 366 -11.41 -15.32 -24.26
C CYS A 366 -11.77 -15.67 -25.71
N SER A 367 -13.04 -16.04 -25.88
CA SER A 367 -13.63 -16.40 -27.18
C SER A 367 -12.93 -17.59 -27.85
N SER A 368 -12.16 -18.35 -27.06
CA SER A 368 -11.44 -19.49 -27.61
C SER A 368 -11.60 -20.75 -26.80
N ASN A 369 -11.20 -21.87 -27.40
CA ASN A 369 -11.27 -23.17 -26.75
C ASN A 369 -10.08 -24.01 -27.16
N VAL A 370 -9.74 -24.95 -26.28
CA VAL A 370 -8.65 -25.87 -26.52
C VAL A 370 -9.15 -27.00 -27.40
N SER A 371 -8.33 -27.42 -28.36
CA SER A 371 -8.70 -28.56 -29.20
C SER A 371 -7.43 -29.37 -29.44
N VAL A 372 -7.57 -30.47 -30.18
CA VAL A 372 -6.43 -31.35 -30.41
C VAL A 372 -6.21 -31.73 -31.87
N ALA A 373 -4.93 -31.82 -32.24
CA ALA A 373 -4.53 -32.22 -33.58
C ALA A 373 -3.33 -33.18 -33.40
N HIS A 374 -2.64 -33.48 -34.50
CA HIS A 374 -1.48 -34.37 -34.44
C HIS A 374 -0.33 -33.83 -35.29
N ASP A 375 0.91 -33.97 -34.80
CA ASP A 375 2.05 -33.48 -35.57
C ASP A 375 2.55 -34.56 -36.52
N ALA A 376 3.64 -34.26 -37.22
CA ALA A 376 4.22 -35.19 -38.18
C ALA A 376 4.46 -36.58 -37.62
N SER A 377 5.00 -36.63 -36.40
CA SER A 377 5.31 -37.89 -35.72
C SER A 377 4.05 -38.62 -35.29
N GLY A 378 2.90 -37.96 -35.43
CA GLY A 378 1.66 -38.58 -35.03
C GLY A 378 1.28 -38.33 -33.59
N LYS A 379 2.11 -37.59 -32.87
CA LYS A 379 1.86 -37.28 -31.47
C LYS A 379 0.79 -36.20 -31.31
N ARG A 380 -0.02 -36.34 -30.27
CA ARG A 380 -1.09 -35.39 -29.99
C ARG A 380 -0.54 -34.04 -29.51
N VAL A 381 -1.17 -32.98 -29.98
CA VAL A 381 -0.77 -31.63 -29.61
C VAL A 381 -1.98 -30.71 -29.42
N TYR A 382 -2.07 -30.13 -28.23
CA TYR A 382 -3.15 -29.22 -27.90
C TYR A 382 -2.85 -27.84 -28.45
N TYR A 383 -3.87 -27.18 -28.98
CA TYR A 383 -3.70 -25.85 -29.54
C TYR A 383 -4.98 -25.03 -29.28
N LEU A 384 -4.90 -23.72 -29.50
CA LEU A 384 -6.03 -22.83 -29.25
C LEU A 384 -6.76 -22.49 -30.54
N THR A 385 -8.08 -22.66 -30.57
CA THR A 385 -8.86 -22.35 -31.77
C THR A 385 -10.16 -21.67 -31.35
N ARG A 386 -10.96 -21.26 -32.34
CA ARG A 386 -12.24 -20.61 -32.05
C ARG A 386 -13.16 -20.69 -33.26
N ASP A 387 -14.40 -20.27 -33.07
CA ASP A 387 -15.36 -20.25 -34.14
C ASP A 387 -14.78 -19.20 -35.08
N PRO A 388 -14.52 -19.56 -36.34
CA PRO A 388 -13.95 -18.64 -37.33
C PRO A 388 -14.90 -17.60 -37.91
N THR A 389 -16.15 -17.63 -37.50
CA THR A 389 -17.14 -16.68 -38.02
C THR A 389 -16.70 -15.22 -37.98
N THR A 390 -16.39 -14.71 -36.81
CA THR A 390 -15.98 -13.31 -36.72
C THR A 390 -14.65 -13.06 -37.43
N PRO A 391 -13.63 -13.89 -37.16
CA PRO A 391 -12.38 -13.63 -37.87
C PRO A 391 -12.59 -13.56 -39.40
N LEU A 392 -13.40 -14.47 -39.94
CA LEU A 392 -13.66 -14.48 -41.36
C LEU A 392 -14.43 -13.26 -41.84
N ALA A 393 -15.43 -12.81 -41.07
CA ALA A 393 -16.22 -11.64 -41.45
C ALA A 393 -15.31 -10.40 -41.53
N ARG A 394 -14.45 -10.25 -40.53
CA ARG A 394 -13.53 -9.13 -40.46
C ARG A 394 -12.46 -9.19 -41.55
N ALA A 395 -12.01 -10.40 -41.88
CA ALA A 395 -11.03 -10.57 -42.93
C ALA A 395 -11.62 -10.03 -44.23
N ALA A 396 -12.85 -10.42 -44.53
CA ALA A 396 -13.50 -9.97 -45.75
C ALA A 396 -13.57 -8.45 -45.77
N TRP A 397 -14.01 -7.87 -44.65
CA TRP A 397 -14.16 -6.44 -44.50
C TRP A 397 -12.83 -5.72 -44.71
N GLU A 398 -11.78 -6.23 -44.08
CA GLU A 398 -10.46 -5.62 -44.20
C GLU A 398 -9.89 -5.80 -45.60
N THR A 399 -10.53 -6.65 -46.39
CA THR A 399 -10.08 -6.88 -47.74
C THR A 399 -10.71 -5.85 -48.67
N ALA A 400 -11.96 -5.47 -48.39
CA ALA A 400 -12.68 -4.51 -49.24
C ALA A 400 -12.50 -3.05 -48.83
N ARG A 401 -12.17 -2.80 -47.57
CA ARG A 401 -11.95 -1.44 -47.07
C ARG A 401 -10.62 -1.39 -46.35
N HIS A 402 -9.81 -0.38 -46.63
CA HIS A 402 -8.52 -0.29 -45.95
C HIS A 402 -8.74 0.10 -44.48
N THR A 403 -8.27 -0.75 -43.58
CA THR A 403 -8.43 -0.51 -42.15
C THR A 403 -7.07 -0.32 -41.47
N PRO A 404 -7.02 0.56 -40.45
CA PRO A 404 -5.83 0.89 -39.66
C PRO A 404 -5.24 -0.34 -38.99
N ILE A 405 -6.12 -1.12 -38.37
CA ILE A 405 -5.73 -2.34 -37.69
C ILE A 405 -6.15 -3.52 -38.56
N ASN A 406 -5.24 -4.47 -38.73
CA ASN A 406 -5.52 -5.64 -39.55
C ASN A 406 -5.72 -6.86 -38.66
N SER A 407 -6.95 -7.10 -38.25
CA SER A 407 -7.24 -8.23 -37.39
C SER A 407 -6.80 -9.56 -38.01
N TRP A 408 -6.81 -9.65 -39.34
CA TRP A 408 -6.41 -10.91 -39.96
C TRP A 408 -4.96 -11.29 -39.70
N LEU A 409 -4.07 -10.30 -39.70
CA LEU A 409 -2.66 -10.57 -39.45
C LEU A 409 -2.53 -11.07 -38.02
N GLY A 410 -3.29 -10.47 -37.12
CA GLY A 410 -3.26 -10.87 -35.73
C GLY A 410 -3.90 -12.23 -35.51
N ASN A 411 -4.95 -12.54 -36.28
CA ASN A 411 -5.59 -13.84 -36.14
C ASN A 411 -4.67 -14.92 -36.69
N ILE A 412 -3.93 -14.59 -37.74
CA ILE A 412 -3.00 -15.56 -38.30
C ILE A 412 -1.93 -15.89 -37.26
N ILE A 413 -1.42 -14.85 -36.61
CA ILE A 413 -0.37 -15.01 -35.60
C ILE A 413 -0.84 -15.79 -34.38
N MET A 414 -2.00 -15.44 -33.87
CA MET A 414 -2.57 -16.07 -32.69
C MET A 414 -3.19 -17.45 -32.92
N TYR A 415 -3.70 -17.70 -34.12
CA TYR A 415 -4.34 -18.98 -34.42
C TYR A 415 -3.62 -19.73 -35.55
N ALA A 416 -2.33 -19.48 -35.70
CA ALA A 416 -1.53 -20.11 -36.76
C ALA A 416 -1.70 -21.63 -36.89
N PRO A 417 -1.84 -22.34 -35.76
CA PRO A 417 -1.99 -23.80 -35.83
C PRO A 417 -3.36 -24.32 -36.27
N THR A 418 -4.36 -23.44 -36.34
CA THR A 418 -5.70 -23.88 -36.71
C THR A 418 -5.93 -24.16 -38.19
N LEU A 419 -6.87 -25.06 -38.42
CA LEU A 419 -7.26 -25.48 -39.75
C LEU A 419 -7.67 -24.28 -40.59
N TRP A 420 -8.56 -23.45 -40.03
CA TRP A 420 -9.05 -22.29 -40.74
C TRP A 420 -8.04 -21.19 -41.00
N ALA A 421 -7.18 -20.91 -40.04
CA ALA A 421 -6.18 -19.86 -40.24
C ALA A 421 -5.18 -20.28 -41.34
N ARG A 422 -4.85 -21.57 -41.35
CA ARG A 422 -3.90 -22.09 -42.34
C ARG A 422 -4.48 -22.19 -43.75
N MET A 423 -5.60 -22.89 -43.90
CA MET A 423 -6.22 -23.06 -45.21
C MET A 423 -6.88 -21.81 -45.79
N ILE A 424 -7.46 -20.97 -44.95
CA ILE A 424 -8.15 -19.78 -45.46
C ILE A 424 -7.40 -18.44 -45.32
N LEU A 425 -7.10 -18.02 -44.09
CA LEU A 425 -6.43 -16.74 -43.89
C LEU A 425 -5.08 -16.60 -44.59
N MET A 426 -4.17 -17.53 -44.33
CA MET A 426 -2.85 -17.48 -44.97
C MET A 426 -2.98 -17.48 -46.50
N THR A 427 -3.82 -18.37 -47.02
CA THR A 427 -4.02 -18.50 -48.46
C THR A 427 -4.59 -17.24 -49.08
N HIS A 428 -5.71 -16.76 -48.54
CA HIS A 428 -6.33 -15.56 -49.06
C HIS A 428 -5.41 -14.34 -49.02
N PHE A 429 -4.85 -14.06 -47.86
CA PHE A 429 -4.00 -12.88 -47.77
C PHE A 429 -2.66 -12.97 -48.49
N PHE A 430 -2.00 -14.13 -48.51
CA PHE A 430 -0.75 -14.19 -49.25
C PHE A 430 -1.01 -14.08 -50.75
N SER A 431 -2.13 -14.66 -51.19
CA SER A 431 -2.51 -14.60 -52.59
C SER A 431 -2.71 -13.14 -53.02
N ILE A 432 -3.31 -12.34 -52.15
CA ILE A 432 -3.54 -10.94 -52.43
C ILE A 432 -2.26 -10.13 -52.33
N LEU A 433 -1.43 -10.43 -51.32
CA LEU A 433 -0.19 -9.70 -51.15
C LEU A 433 0.72 -9.94 -52.36
N LEU A 434 0.60 -11.11 -52.97
CA LEU A 434 1.39 -11.44 -54.15
C LEU A 434 0.87 -10.64 -55.35
N ALA A 435 -0.43 -10.69 -55.57
CA ALA A 435 -1.05 -9.99 -56.70
C ALA A 435 -0.77 -8.49 -56.72
N GLN A 436 -0.65 -7.88 -55.55
CA GLN A 436 -0.39 -6.45 -55.45
C GLN A 436 1.07 -6.16 -55.12
N GLU A 437 1.86 -7.23 -55.06
CA GLU A 437 3.29 -7.11 -54.75
C GLU A 437 3.54 -6.26 -53.52
N GLN A 438 2.92 -6.64 -52.40
CA GLN A 438 3.09 -5.91 -51.15
C GLN A 438 3.48 -6.81 -49.99
N LEU A 439 4.22 -7.87 -50.30
CA LEU A 439 4.67 -8.83 -49.30
C LEU A 439 5.64 -8.24 -48.30
N GLU A 440 6.33 -7.17 -48.69
CA GLU A 440 7.31 -6.56 -47.79
C GLU A 440 6.82 -5.34 -47.02
N LYS A 441 5.58 -4.94 -47.27
CA LYS A 441 5.02 -3.78 -46.59
C LYS A 441 4.49 -4.15 -45.21
N ALA A 442 5.08 -3.57 -44.17
CA ALA A 442 4.67 -3.81 -42.79
C ALA A 442 3.25 -3.31 -42.54
N LEU A 443 2.51 -4.04 -41.71
CA LEU A 443 1.13 -3.68 -41.39
C LEU A 443 0.94 -3.64 -39.89
N ASP A 444 -0.05 -2.84 -39.45
CA ASP A 444 -0.32 -2.75 -38.02
C ASP A 444 -1.40 -3.73 -37.61
N CYS A 445 -1.23 -4.32 -36.42
CA CYS A 445 -2.21 -5.25 -35.89
C CYS A 445 -2.15 -5.16 -34.37
N GLN A 446 -3.09 -5.79 -33.68
CA GLN A 446 -3.10 -5.75 -32.22
C GLN A 446 -2.99 -7.11 -31.55
N ILE A 447 -2.21 -7.16 -30.47
CA ILE A 447 -2.02 -8.36 -29.68
C ILE A 447 -2.29 -7.96 -28.22
N TYR A 448 -3.34 -8.53 -27.65
CA TYR A 448 -3.76 -8.20 -26.29
C TYR A 448 -3.93 -6.68 -26.13
N GLY A 449 -4.48 -6.05 -27.16
CA GLY A 449 -4.72 -4.63 -27.13
C GLY A 449 -3.56 -3.73 -27.53
N ALA A 450 -2.35 -4.26 -27.54
CA ALA A 450 -1.17 -3.48 -27.91
C ALA A 450 -0.98 -3.50 -29.43
N CYS A 451 -0.71 -2.32 -30.00
CA CYS A 451 -0.51 -2.19 -31.44
C CYS A 451 0.93 -2.52 -31.85
N TYR A 452 1.05 -3.43 -32.81
CA TYR A 452 2.37 -3.85 -33.30
C TYR A 452 2.53 -3.68 -34.82
N SER A 453 3.76 -3.37 -35.23
CA SER A 453 4.09 -3.21 -36.64
C SER A 453 4.72 -4.54 -37.03
N ILE A 454 4.09 -5.25 -37.96
CA ILE A 454 4.60 -6.55 -38.35
C ILE A 454 4.71 -6.75 -39.86
N GLU A 455 5.77 -7.43 -40.26
CA GLU A 455 6.00 -7.73 -41.67
C GLU A 455 5.51 -9.15 -41.96
N PRO A 456 4.65 -9.30 -42.96
CA PRO A 456 4.08 -10.59 -43.34
C PRO A 456 5.13 -11.68 -43.60
N LEU A 457 6.27 -11.29 -44.17
CA LEU A 457 7.34 -12.25 -44.47
C LEU A 457 7.99 -12.83 -43.22
N ASP A 458 7.76 -12.21 -42.07
CA ASP A 458 8.32 -12.71 -40.81
C ASP A 458 7.41 -13.71 -40.10
N LEU A 459 6.24 -13.99 -40.69
CA LEU A 459 5.32 -14.93 -40.06
C LEU A 459 5.93 -16.31 -39.77
N PRO A 460 6.72 -16.87 -40.71
CA PRO A 460 7.32 -18.18 -40.44
C PRO A 460 8.04 -18.26 -39.10
N GLN A 461 8.99 -17.35 -38.89
CA GLN A 461 9.77 -17.30 -37.65
C GLN A 461 8.88 -16.98 -36.45
N ILE A 462 8.06 -15.94 -36.59
CA ILE A 462 7.17 -15.54 -35.50
C ILE A 462 6.33 -16.73 -35.07
N ILE A 463 5.73 -17.40 -36.05
CA ILE A 463 4.90 -18.57 -35.75
C ILE A 463 5.74 -19.66 -35.10
N GLU A 464 6.96 -19.88 -35.59
CA GLU A 464 7.82 -20.91 -35.00
C GLU A 464 8.11 -20.60 -33.54
N ARG A 465 8.47 -19.34 -33.26
CA ARG A 465 8.76 -18.93 -31.88
C ARG A 465 7.56 -19.09 -30.96
N LEU A 466 6.40 -18.60 -31.39
CA LEU A 466 5.21 -18.67 -30.56
C LEU A 466 4.54 -20.05 -30.45
N HIS A 467 4.50 -20.80 -31.56
CA HIS A 467 3.82 -22.10 -31.53
C HIS A 467 4.70 -23.33 -31.76
N GLY A 468 5.92 -23.12 -32.25
CA GLY A 468 6.81 -24.24 -32.50
C GLY A 468 6.62 -24.76 -33.93
N LEU A 469 7.54 -25.60 -34.38
CA LEU A 469 7.46 -26.13 -35.73
C LEU A 469 6.19 -26.92 -36.02
N SER A 470 5.54 -27.42 -34.97
CA SER A 470 4.32 -28.21 -35.16
C SER A 470 3.14 -27.42 -35.74
N ALA A 471 3.25 -26.10 -35.78
CA ALA A 471 2.15 -25.30 -36.33
C ALA A 471 2.11 -25.49 -37.84
N PHE A 472 3.23 -25.97 -38.39
CA PHE A 472 3.35 -26.20 -39.83
C PHE A 472 3.13 -27.65 -40.22
N THR A 473 2.84 -28.53 -39.26
CA THR A 473 2.62 -29.94 -39.57
C THR A 473 1.35 -30.56 -38.97
N LEU A 474 0.55 -29.77 -38.25
CA LEU A 474 -0.67 -30.31 -37.66
C LEU A 474 -1.60 -30.85 -38.72
N HIS A 475 -2.19 -31.99 -38.44
CA HIS A 475 -3.10 -32.66 -39.35
C HIS A 475 -4.01 -33.52 -38.51
N SER A 476 -5.05 -34.09 -39.11
CA SER A 476 -5.96 -34.95 -38.38
C SER A 476 -6.66 -34.19 -37.25
N TYR A 477 -7.26 -33.05 -37.58
CA TYR A 477 -7.97 -32.25 -36.58
C TYR A 477 -9.18 -33.03 -36.07
N SER A 478 -9.77 -32.57 -34.97
CA SER A 478 -10.92 -33.22 -34.37
C SER A 478 -12.18 -33.06 -35.21
N PRO A 479 -13.08 -34.04 -35.13
CA PRO A 479 -14.35 -34.01 -35.87
C PRO A 479 -15.17 -32.74 -35.59
N GLY A 480 -15.33 -32.41 -34.30
CA GLY A 480 -16.09 -31.24 -33.93
C GLY A 480 -15.51 -29.97 -34.53
N GLU A 481 -14.20 -29.82 -34.43
CA GLU A 481 -13.51 -28.65 -34.97
C GLU A 481 -13.70 -28.57 -36.50
N ILE A 482 -13.49 -29.69 -37.18
CA ILE A 482 -13.65 -29.70 -38.63
C ILE A 482 -15.08 -29.35 -39.02
N ASN A 483 -16.05 -29.87 -38.28
CA ASN A 483 -17.45 -29.59 -38.57
C ASN A 483 -17.82 -28.13 -38.26
N ARG A 484 -17.28 -27.56 -37.19
CA ARG A 484 -17.59 -26.18 -36.88
C ARG A 484 -17.08 -25.29 -38.02
N VAL A 485 -15.88 -25.60 -38.51
CA VAL A 485 -15.28 -24.83 -39.61
C VAL A 485 -16.09 -24.92 -40.90
N ALA A 486 -16.35 -26.15 -41.35
CA ALA A 486 -17.10 -26.36 -42.58
C ALA A 486 -18.46 -25.71 -42.51
N SER A 487 -19.16 -25.95 -41.40
CA SER A 487 -20.49 -25.38 -41.20
C SER A 487 -20.39 -23.85 -41.31
N CYS A 488 -19.41 -23.28 -40.62
CA CYS A 488 -19.22 -21.84 -40.67
C CYS A 488 -19.10 -21.34 -42.12
N LEU A 489 -18.31 -22.02 -42.94
CA LEU A 489 -18.10 -21.62 -44.33
C LEU A 489 -19.37 -21.62 -45.17
N ARG A 490 -20.20 -22.66 -44.99
CA ARG A 490 -21.45 -22.74 -45.73
C ARG A 490 -22.37 -21.57 -45.35
N LYS A 491 -22.38 -21.22 -44.07
CA LYS A 491 -23.21 -20.12 -43.58
C LYS A 491 -22.83 -18.78 -44.21
N LEU A 492 -21.54 -18.47 -44.18
CA LEU A 492 -21.03 -17.22 -44.72
C LEU A 492 -20.84 -17.17 -46.24
N GLY A 493 -20.99 -18.30 -46.91
CA GLY A 493 -20.78 -18.31 -48.35
C GLY A 493 -19.28 -18.36 -48.67
N VAL A 494 -18.49 -18.93 -47.76
CA VAL A 494 -17.05 -19.07 -47.98
C VAL A 494 -16.81 -20.37 -48.74
N PRO A 495 -16.04 -20.32 -49.84
CA PRO A 495 -15.80 -21.56 -50.59
C PRO A 495 -15.31 -22.65 -49.65
N PRO A 496 -15.66 -23.91 -49.94
CA PRO A 496 -15.25 -25.06 -49.11
C PRO A 496 -13.73 -25.27 -49.09
N LEU A 497 -13.25 -25.86 -48.00
CA LEU A 497 -11.83 -26.09 -47.80
C LEU A 497 -11.11 -26.70 -49.00
N ARG A 498 -11.77 -27.60 -49.70
CA ARG A 498 -11.14 -28.22 -50.86
C ARG A 498 -10.69 -27.13 -51.82
N THR A 499 -11.53 -26.12 -51.97
CA THR A 499 -11.20 -25.01 -52.86
C THR A 499 -9.96 -24.27 -52.38
N TRP A 500 -9.86 -24.08 -51.07
CA TRP A 500 -8.72 -23.37 -50.52
C TRP A 500 -7.43 -24.16 -50.65
N ARG A 501 -7.53 -25.49 -50.66
CA ARG A 501 -6.36 -26.34 -50.81
C ARG A 501 -5.80 -26.08 -52.20
N HIS A 502 -6.70 -26.05 -53.18
CA HIS A 502 -6.31 -25.81 -54.56
C HIS A 502 -5.69 -24.42 -54.72
N ARG A 503 -6.25 -23.41 -54.06
CA ARG A 503 -5.69 -22.07 -54.18
C ARG A 503 -4.34 -22.01 -53.50
N ALA A 504 -4.18 -22.77 -52.43
CA ALA A 504 -2.94 -22.79 -51.67
C ALA A 504 -1.77 -23.31 -52.50
N ARG A 505 -2.00 -24.36 -53.28
CA ARG A 505 -0.95 -24.92 -54.12
C ARG A 505 -0.40 -23.87 -55.08
N SER A 506 -1.29 -23.09 -55.67
CA SER A 506 -0.87 -22.05 -56.60
C SER A 506 -0.08 -20.98 -55.85
N VAL A 507 -0.58 -20.57 -54.70
CA VAL A 507 0.10 -19.56 -53.89
C VAL A 507 1.49 -20.04 -53.52
N ARG A 508 1.56 -21.22 -52.90
CA ARG A 508 2.83 -21.80 -52.51
C ARG A 508 3.84 -21.71 -53.67
N ALA A 509 3.46 -22.23 -54.83
CA ALA A 509 4.34 -22.22 -56.00
C ALA A 509 4.88 -20.82 -56.26
N LYS A 510 4.00 -19.85 -56.40
CA LYS A 510 4.44 -18.49 -56.66
C LYS A 510 5.45 -18.03 -55.62
N LEU A 511 5.16 -18.30 -54.36
CA LEU A 511 6.06 -17.90 -53.28
C LEU A 511 7.45 -18.51 -53.43
N LEU A 512 7.53 -19.81 -53.73
CA LEU A 512 8.83 -20.45 -53.90
C LEU A 512 9.61 -19.83 -55.06
N SER A 513 8.90 -19.57 -56.16
CA SER A 513 9.49 -18.97 -57.35
C SER A 513 10.27 -17.71 -57.06
N GLN A 514 9.79 -16.91 -56.12
CA GLN A 514 10.45 -15.65 -55.78
C GLN A 514 11.67 -15.82 -54.88
N GLY A 515 11.80 -17.00 -54.28
CA GLY A 515 12.92 -17.25 -53.40
C GLY A 515 12.92 -16.36 -52.17
N GLY A 516 14.04 -16.36 -51.44
CA GLY A 516 14.15 -15.54 -50.25
C GLY A 516 13.10 -15.80 -49.20
N ARG A 517 12.84 -14.80 -48.37
CA ARG A 517 11.84 -14.93 -47.31
C ARG A 517 10.51 -15.39 -47.89
N ALA A 518 10.25 -15.00 -49.13
CA ALA A 518 9.01 -15.37 -49.80
C ALA A 518 8.92 -16.89 -49.95
N ALA A 519 10.04 -17.52 -50.31
CA ALA A 519 10.08 -18.96 -50.48
C ALA A 519 9.92 -19.65 -49.13
N THR A 520 10.51 -19.07 -48.09
CA THR A 520 10.41 -19.64 -46.75
C THR A 520 8.94 -19.71 -46.30
N CYS A 521 8.14 -18.73 -46.73
CA CYS A 521 6.73 -18.69 -46.39
C CYS A 521 6.03 -19.85 -47.09
N GLY A 522 6.34 -20.02 -48.38
CA GLY A 522 5.75 -21.11 -49.13
C GLY A 522 6.11 -22.46 -48.53
N ARG A 523 7.35 -22.59 -48.07
CA ARG A 523 7.83 -23.85 -47.48
C ARG A 523 7.18 -24.21 -46.16
N TYR A 524 7.18 -23.27 -45.22
CA TYR A 524 6.61 -23.55 -43.90
C TYR A 524 5.12 -23.30 -43.78
N LEU A 525 4.65 -22.15 -44.25
CA LEU A 525 3.25 -21.82 -44.15
C LEU A 525 2.31 -22.71 -44.95
N PHE A 526 2.76 -23.19 -46.11
CA PHE A 526 1.92 -24.01 -46.96
C PHE A 526 2.38 -25.44 -47.23
N ASN A 527 3.14 -26.00 -46.29
CA ASN A 527 3.62 -27.37 -46.42
C ASN A 527 2.44 -28.34 -46.34
N TRP A 528 1.34 -27.90 -45.75
CA TRP A 528 0.15 -28.74 -45.63
C TRP A 528 -0.55 -28.96 -46.97
N ALA A 529 -0.32 -28.04 -47.91
CA ALA A 529 -0.95 -28.10 -49.23
C ALA A 529 -0.41 -29.19 -50.15
N VAL A 530 0.90 -29.41 -50.13
CA VAL A 530 1.51 -30.42 -50.99
C VAL A 530 1.51 -31.82 -50.35
N ARG A 531 1.34 -32.85 -51.19
CA ARG A 531 1.30 -34.22 -50.71
C ARG A 531 2.70 -34.73 -50.38
N THR A 532 3.70 -34.25 -51.14
CA THR A 532 5.09 -34.64 -50.90
C THR A 532 5.71 -33.54 -50.04
N LYS A 533 5.39 -33.55 -48.75
CA LYS A 533 5.88 -32.54 -47.82
C LYS A 533 7.40 -32.40 -47.78
N LEU A 534 7.85 -31.29 -47.22
CA LEU A 534 9.26 -31.01 -47.08
C LEU A 534 9.65 -31.21 -45.62
N LYS A 535 10.93 -31.48 -45.37
CA LYS A 535 11.42 -31.66 -44.01
C LYS A 535 11.57 -30.27 -43.40
N LEU A 536 10.71 -29.95 -42.43
CA LEU A 536 10.77 -28.64 -41.82
C LEU A 536 11.72 -28.58 -40.62
N THR A 537 12.83 -27.88 -40.80
CA THR A 537 13.84 -27.73 -39.77
C THR A 537 13.75 -26.35 -39.14
N PRO A 538 14.24 -26.19 -37.90
CA PRO A 538 14.21 -24.90 -37.22
C PRO A 538 14.76 -23.76 -38.07
N ILE A 539 14.04 -22.64 -38.09
CA ILE A 539 14.44 -21.47 -38.87
C ILE A 539 15.43 -20.63 -38.07
N PRO A 540 16.57 -20.30 -38.69
CA PRO A 540 17.64 -19.50 -38.07
C PRO A 540 17.17 -18.23 -37.38
N ALA A 541 16.65 -17.28 -38.16
CA ALA A 541 16.20 -16.00 -37.64
C ALA A 541 15.14 -16.09 -36.54
N ALA A 542 14.49 -17.24 -36.42
CA ALA A 542 13.44 -17.42 -35.41
C ALA A 542 13.99 -17.39 -33.99
N SER A 543 15.09 -18.09 -33.76
CA SER A 543 15.70 -18.15 -32.44
C SER A 543 16.40 -16.84 -32.07
N GLN A 544 16.24 -15.82 -32.90
CA GLN A 544 16.87 -14.54 -32.64
C GLN A 544 15.84 -13.42 -32.48
N LEU A 545 14.59 -13.70 -32.81
CA LEU A 545 13.53 -12.71 -32.70
C LEU A 545 13.35 -12.20 -31.27
N ASP A 546 13.15 -10.90 -31.15
CA ASP A 546 12.94 -10.26 -29.85
C ASP A 546 11.45 -10.20 -29.53
N LEU A 547 10.89 -11.35 -29.15
CA LEU A 547 9.46 -11.45 -28.82
C LEU A 547 9.23 -11.16 -27.34
N SER A 548 10.15 -10.39 -26.76
CA SER A 548 10.07 -10.01 -25.36
C SER A 548 9.12 -8.82 -25.24
N GLY A 549 7.96 -9.05 -24.62
CA GLY A 549 7.02 -7.96 -24.45
C GLY A 549 5.68 -8.17 -25.13
N TRP A 550 5.62 -9.16 -26.01
CA TRP A 550 4.39 -9.46 -26.73
C TRP A 550 3.30 -10.01 -25.83
N PHE A 551 3.69 -10.72 -24.78
CA PHE A 551 2.74 -11.31 -23.86
C PHE A 551 3.11 -11.02 -22.42
N VAL A 552 2.96 -9.76 -22.03
CA VAL A 552 3.28 -9.34 -20.68
C VAL A 552 2.01 -8.93 -19.95
N ALA A 553 1.24 -8.03 -20.56
CA ALA A 553 0.02 -7.55 -19.93
C ALA A 553 -1.02 -7.20 -20.98
N GLY A 554 -2.22 -6.86 -20.51
CA GLY A 554 -3.31 -6.47 -21.41
C GLY A 554 -3.30 -4.95 -21.48
N TYR A 555 -3.63 -4.41 -22.65
CA TYR A 555 -3.64 -2.95 -22.83
C TYR A 555 -4.86 -2.46 -23.61
N SER A 556 -5.90 -3.28 -23.61
CA SER A 556 -7.13 -2.96 -24.32
C SER A 556 -7.67 -1.59 -23.94
N GLY A 557 -7.80 -0.72 -24.93
CA GLY A 557 -8.29 0.63 -24.68
C GLY A 557 -7.24 1.50 -24.01
N GLY A 558 -6.02 0.97 -23.85
CA GLY A 558 -4.96 1.72 -23.22
C GLY A 558 -4.13 2.61 -24.12
N ASP A 559 -4.46 2.67 -25.41
CA ASP A 559 -3.74 3.51 -26.36
C ASP A 559 -2.24 3.22 -26.31
N ILE A 560 -1.88 1.95 -26.49
CA ILE A 560 -0.49 1.51 -26.44
C ILE A 560 0.07 1.03 -27.79
N TYR A 561 1.31 1.42 -28.07
CA TYR A 561 2.01 1.04 -29.30
C TYR A 561 3.41 0.55 -28.93
N HIS A 562 3.72 -0.69 -29.33
CA HIS A 562 5.04 -1.25 -29.02
C HIS A 562 5.95 -1.35 -30.24
N SER A 563 7.01 -0.54 -30.23
CA SER A 563 7.99 -0.52 -31.31
C SER A 563 9.26 -1.25 -30.86
N SER B 1 21.18 15.79 2.53
CA SER B 1 20.90 17.25 2.70
C SER B 1 21.12 17.69 4.16
N MET B 2 21.13 19.01 4.37
CA MET B 2 21.33 19.56 5.72
C MET B 2 20.07 19.35 6.56
N SER B 3 20.22 18.75 7.72
CA SER B 3 19.06 18.53 8.60
C SER B 3 18.37 19.87 8.92
N TYR B 4 19.16 20.91 9.14
CA TYR B 4 18.63 22.25 9.43
C TYR B 4 19.47 23.32 8.72
N THR B 5 18.84 24.44 8.41
CA THR B 5 19.50 25.61 7.81
C THR B 5 19.00 26.72 8.70
N TRP B 6 19.90 27.59 9.16
CA TRP B 6 19.51 28.67 10.06
C TRP B 6 19.69 30.07 9.43
N THR B 7 18.82 30.99 9.79
CA THR B 7 18.88 32.36 9.26
C THR B 7 19.66 33.31 10.16
N GLY B 8 19.59 33.06 11.46
CA GLY B 8 20.26 33.90 12.43
C GLY B 8 19.26 34.38 13.48
N ALA B 9 17.97 34.35 13.15
CA ALA B 9 16.95 34.77 14.11
C ALA B 9 16.97 33.77 15.25
N LEU B 10 17.03 34.29 16.47
CA LEU B 10 17.10 33.45 17.65
C LEU B 10 15.88 32.60 17.94
N ILE B 11 16.10 31.52 18.68
CA ILE B 11 15.05 30.64 19.11
C ILE B 11 14.69 31.28 20.44
N THR B 12 13.49 31.84 20.50
CA THR B 12 13.02 32.57 21.66
C THR B 12 11.93 31.90 22.48
N PRO B 13 11.84 32.26 23.78
CA PRO B 13 10.86 31.75 24.74
C PRO B 13 9.59 32.58 24.62
N CYS B 14 8.45 31.99 24.96
CA CYS B 14 7.19 32.70 24.88
C CYS B 14 6.88 33.49 26.14
N ALA B 15 7.53 33.12 27.25
CA ALA B 15 7.33 33.81 28.52
C ALA B 15 8.59 33.64 29.38
N ALA B 16 8.48 33.92 30.68
CA ALA B 16 9.63 33.77 31.56
C ALA B 16 10.03 32.30 31.69
N GLU B 17 11.33 32.04 31.65
CA GLU B 17 11.84 30.67 31.77
C GLU B 17 12.63 30.50 33.06
N GLU B 18 12.20 29.54 33.88
CA GLU B 18 12.88 29.25 35.14
C GLU B 18 13.98 28.23 34.87
N SER B 19 15.14 28.43 35.49
CA SER B 19 16.27 27.53 35.30
C SER B 19 16.73 26.85 36.58
N LYS B 20 16.30 27.38 37.73
CA LYS B 20 16.70 26.81 39.02
C LYS B 20 15.55 26.71 40.00
N LEU B 21 15.69 25.81 40.97
CA LEU B 21 14.66 25.61 41.99
C LEU B 21 14.45 26.93 42.75
N PRO B 22 13.21 27.17 43.22
CA PRO B 22 12.91 28.41 43.95
C PRO B 22 13.92 28.66 45.07
N ILE B 23 14.44 29.89 45.14
CA ILE B 23 15.42 30.23 46.17
C ILE B 23 14.88 29.82 47.54
N ASN B 24 15.59 28.86 48.14
CA ASN B 24 15.28 28.28 49.44
C ASN B 24 14.06 28.75 50.24
N PRO B 25 12.87 28.24 49.90
CA PRO B 25 11.60 28.55 50.57
C PRO B 25 11.31 27.27 51.36
N LEU B 26 10.73 26.31 50.65
CA LEU B 26 10.43 24.99 51.20
C LEU B 26 10.82 24.04 50.07
N SER B 27 10.26 22.84 50.07
CA SER B 27 10.61 21.86 49.06
C SER B 27 12.09 21.51 49.26
N ASN B 28 12.63 22.00 50.37
CA ASN B 28 14.02 21.72 50.74
C ASN B 28 13.93 20.28 51.20
N SER B 29 12.69 19.83 51.39
CA SER B 29 12.42 18.46 51.79
C SER B 29 12.74 17.66 50.53
N LEU B 30 12.89 16.35 50.70
CA LEU B 30 13.22 15.49 49.59
C LEU B 30 14.72 15.62 49.34
N LEU B 31 15.17 16.82 48.99
CA LEU B 31 16.60 17.02 48.75
C LEU B 31 17.12 18.38 49.21
N ARG B 32 18.32 18.36 49.79
CA ARG B 32 18.96 19.54 50.34
C ARG B 32 19.89 20.30 49.39
N HIS B 33 20.46 19.60 48.42
CA HIS B 33 21.37 20.22 47.47
C HIS B 33 20.63 20.70 46.23
N HIS B 34 19.82 21.74 46.42
CA HIS B 34 19.01 22.34 45.35
C HIS B 34 19.81 22.87 44.17
N ASN B 35 21.12 23.02 44.35
CA ASN B 35 21.96 23.54 43.28
C ASN B 35 22.33 22.47 42.26
N MET B 36 21.95 21.24 42.55
CA MET B 36 22.22 20.11 41.66
C MET B 36 21.11 19.97 40.63
N VAL B 37 19.98 20.62 40.90
CA VAL B 37 18.82 20.56 40.00
C VAL B 37 18.67 21.78 39.10
N TYR B 38 18.50 21.53 37.80
CA TYR B 38 18.32 22.60 36.83
C TYR B 38 17.29 22.25 35.76
N ALA B 39 16.85 23.27 35.03
CA ALA B 39 15.88 23.10 33.97
C ALA B 39 16.45 23.76 32.73
N THR B 40 16.35 23.09 31.59
CA THR B 40 16.88 23.66 30.35
C THR B 40 16.01 24.85 29.95
N THR B 41 16.61 25.79 29.23
CA THR B 41 15.91 26.96 28.76
C THR B 41 16.39 27.30 27.36
N SER B 42 15.81 28.35 26.79
CA SER B 42 16.17 28.80 25.45
C SER B 42 17.61 29.30 25.32
N ARG B 43 18.26 29.59 26.45
CA ARG B 43 19.64 30.10 26.41
C ARG B 43 20.65 29.07 25.88
N SER B 44 20.30 27.78 25.95
CA SER B 44 21.20 26.74 25.47
C SER B 44 20.78 26.21 24.10
N ALA B 45 19.75 26.82 23.54
CA ALA B 45 19.25 26.41 22.22
C ALA B 45 20.37 26.37 21.18
N SER B 46 21.27 27.36 21.25
CA SER B 46 22.39 27.44 20.32
C SER B 46 23.28 26.20 20.39
N LEU B 47 23.47 25.67 21.58
CA LEU B 47 24.30 24.49 21.75
C LEU B 47 23.57 23.27 21.19
N ARG B 48 22.26 23.24 21.32
CA ARG B 48 21.48 22.13 20.80
C ARG B 48 21.54 22.16 19.28
N GLN B 49 21.42 23.36 18.71
CA GLN B 49 21.45 23.54 17.26
C GLN B 49 22.72 22.99 16.64
N LYS B 50 23.86 23.21 17.29
CA LYS B 50 25.11 22.72 16.73
C LYS B 50 25.17 21.21 16.71
N LYS B 51 24.46 20.56 17.62
CA LYS B 51 24.49 19.10 17.66
C LYS B 51 23.55 18.43 16.66
N VAL B 52 22.42 19.06 16.35
CA VAL B 52 21.46 18.47 15.42
C VAL B 52 21.57 18.92 13.98
N THR B 53 22.47 19.86 13.70
CA THR B 53 22.65 20.39 12.35
C THR B 53 23.84 19.75 11.63
N PHE B 54 23.57 18.99 10.58
CA PHE B 54 24.60 18.33 9.78
C PHE B 54 24.04 17.71 8.49
N ASP B 55 24.92 17.37 7.56
CA ASP B 55 24.52 16.79 6.28
C ASP B 55 24.29 15.28 6.44
N ARG B 56 23.23 14.75 5.86
CA ARG B 56 22.95 13.32 5.94
C ARG B 56 23.30 12.65 4.61
N LEU B 57 24.11 11.60 4.69
CA LEU B 57 24.54 10.86 3.51
C LEU B 57 24.05 9.43 3.67
N GLN B 58 22.87 9.17 3.11
CA GLN B 58 22.24 7.87 3.22
C GLN B 58 22.49 6.97 2.02
N VAL B 59 22.83 5.72 2.31
CA VAL B 59 23.09 4.72 1.30
C VAL B 59 22.25 3.49 1.68
N LEU B 60 21.31 3.14 0.81
CA LEU B 60 20.44 2.00 1.03
C LEU B 60 20.91 0.77 0.25
N ASP B 61 20.70 -0.42 0.81
CA ASP B 61 21.11 -1.67 0.17
C ASP B 61 19.95 -2.65 0.02
N ASP B 62 20.24 -3.83 -0.53
CA ASP B 62 19.21 -4.83 -0.73
C ASP B 62 18.52 -5.28 0.55
N HIS B 63 19.27 -5.35 1.65
CA HIS B 63 18.69 -5.77 2.93
C HIS B 63 17.59 -4.79 3.39
N TYR B 64 17.88 -3.51 3.27
CA TYR B 64 16.94 -2.46 3.65
C TYR B 64 15.64 -2.62 2.85
N ARG B 65 15.77 -2.78 1.53
CA ARG B 65 14.62 -2.95 0.66
C ARG B 65 13.84 -4.22 0.98
N ASP B 66 14.55 -5.31 1.28
CA ASP B 66 13.89 -6.57 1.61
C ASP B 66 13.02 -6.38 2.83
N VAL B 67 13.59 -5.81 3.89
CA VAL B 67 12.85 -5.57 5.12
C VAL B 67 11.66 -4.65 4.89
N LEU B 68 11.85 -3.61 4.09
CA LEU B 68 10.78 -2.67 3.79
C LEU B 68 9.57 -3.41 3.20
N LYS B 69 9.83 -4.30 2.24
CA LYS B 69 8.76 -5.06 1.60
C LYS B 69 8.00 -5.91 2.61
N GLU B 70 8.75 -6.56 3.51
CA GLU B 70 8.15 -7.40 4.55
C GLU B 70 7.23 -6.56 5.42
N MET B 71 7.71 -5.38 5.81
CA MET B 71 6.93 -4.49 6.65
C MET B 71 5.66 -4.05 5.93
N LYS B 72 5.79 -3.68 4.66
CA LYS B 72 4.65 -3.26 3.85
C LYS B 72 3.62 -4.38 3.70
N ALA B 73 4.13 -5.61 3.51
CA ALA B 73 3.25 -6.77 3.37
C ALA B 73 2.36 -6.88 4.60
N LYS B 74 2.91 -6.59 5.78
CA LYS B 74 2.10 -6.67 7.00
C LYS B 74 1.21 -5.43 7.16
N ALA B 75 1.72 -4.27 6.74
CA ALA B 75 0.94 -3.05 6.84
C ALA B 75 -0.33 -3.19 6.01
N SER B 76 -0.25 -4.00 4.96
CA SER B 76 -1.35 -4.23 4.03
C SER B 76 -2.60 -4.90 4.58
N THR B 77 -2.51 -5.40 5.81
CA THR B 77 -3.66 -6.07 6.44
C THR B 77 -4.47 -5.06 7.23
N VAL B 78 -3.91 -3.88 7.42
CA VAL B 78 -4.56 -2.82 8.18
C VAL B 78 -5.63 -2.04 7.45
N LYS B 79 -6.70 -1.74 8.17
CA LYS B 79 -7.80 -0.92 7.65
C LYS B 79 -7.91 0.22 8.64
N ALA B 80 -7.54 1.42 8.20
CA ALA B 80 -7.56 2.60 9.04
C ALA B 80 -8.83 3.42 8.86
N LYS B 81 -9.37 3.88 9.99
CA LYS B 81 -10.57 4.68 9.96
C LYS B 81 -10.23 6.16 9.98
N LEU B 82 -11.08 6.93 9.31
CA LEU B 82 -10.96 8.36 9.26
C LEU B 82 -11.74 8.86 10.48
N LEU B 83 -11.13 9.73 11.30
CA LEU B 83 -11.80 10.27 12.46
C LEU B 83 -12.63 11.48 12.08
N SER B 84 -13.67 11.77 12.86
CA SER B 84 -14.51 12.93 12.58
C SER B 84 -13.91 14.14 13.28
N ILE B 85 -14.38 15.33 12.91
CA ILE B 85 -13.90 16.56 13.52
C ILE B 85 -14.02 16.45 15.05
N GLU B 86 -15.20 16.06 15.53
CA GLU B 86 -15.46 15.94 16.96
C GLU B 86 -14.54 14.95 17.67
N GLU B 87 -14.38 13.76 17.12
CA GLU B 87 -13.50 12.76 17.72
C GLU B 87 -12.08 13.30 17.83
N ALA B 88 -11.58 13.87 16.75
CA ALA B 88 -10.24 14.44 16.75
C ALA B 88 -10.17 15.54 17.81
N CYS B 89 -11.24 16.32 17.93
CA CYS B 89 -11.31 17.39 18.91
C CYS B 89 -11.19 16.90 20.35
N LYS B 90 -11.89 15.81 20.67
CA LYS B 90 -11.87 15.27 22.03
C LYS B 90 -10.49 14.73 22.44
N LEU B 91 -9.63 14.47 21.45
CA LEU B 91 -8.29 13.94 21.69
C LEU B 91 -7.24 15.02 22.02
N THR B 92 -7.64 16.29 21.91
CA THR B 92 -6.78 17.43 22.18
C THR B 92 -6.63 17.72 23.67
N PRO B 93 -5.38 17.87 24.16
CA PRO B 93 -5.18 18.17 25.58
C PRO B 93 -5.78 19.53 25.92
N PRO B 94 -6.36 19.66 27.12
CA PRO B 94 -6.97 20.91 27.56
C PRO B 94 -6.02 22.11 27.51
N HIS B 95 -4.72 21.88 27.71
CA HIS B 95 -3.77 23.00 27.69
C HIS B 95 -2.83 23.02 26.50
N SER B 96 -3.32 22.52 25.37
CA SER B 96 -2.55 22.49 24.14
C SER B 96 -2.32 23.93 23.65
N ALA B 97 -1.19 24.16 22.99
CA ALA B 97 -0.87 25.49 22.48
C ALA B 97 -2.07 26.01 21.67
N LYS B 98 -2.47 27.25 21.92
CA LYS B 98 -3.61 27.83 21.22
C LYS B 98 -3.29 28.13 19.74
N SER B 99 -4.33 28.29 18.95
CA SER B 99 -4.16 28.57 17.53
C SER B 99 -3.91 30.05 17.28
N LYS B 100 -3.13 30.29 16.24
CA LYS B 100 -2.77 31.64 15.81
C LYS B 100 -4.01 32.28 15.20
N PHE B 101 -5.07 31.49 15.02
CA PHE B 101 -6.31 31.99 14.42
C PHE B 101 -7.44 32.37 15.38
N GLY B 102 -7.08 32.72 16.60
CA GLY B 102 -8.08 33.17 17.56
C GLY B 102 -8.94 32.16 18.30
N TYR B 103 -8.36 31.04 18.71
CA TYR B 103 -9.10 30.04 19.47
C TYR B 103 -8.10 29.06 20.03
N GLY B 104 -8.40 28.48 21.20
CA GLY B 104 -7.47 27.54 21.80
C GLY B 104 -8.00 26.15 22.06
N ALA B 105 -7.24 25.36 22.83
CA ALA B 105 -7.64 23.99 23.15
C ALA B 105 -9.03 23.92 23.75
N LYS B 106 -9.35 24.85 24.64
CA LYS B 106 -10.65 24.89 25.30
C LYS B 106 -11.77 25.00 24.27
N ASP B 107 -11.55 25.83 23.27
CA ASP B 107 -12.55 26.02 22.23
C ASP B 107 -12.65 24.78 21.36
N VAL B 108 -11.51 24.16 21.08
CA VAL B 108 -11.50 22.94 20.27
C VAL B 108 -12.26 21.81 20.98
N ARG B 109 -12.00 21.64 22.26
CA ARG B 109 -12.66 20.59 23.03
C ARG B 109 -14.17 20.84 23.16
N ASN B 110 -14.59 22.10 23.18
CA ASN B 110 -16.01 22.43 23.28
C ASN B 110 -16.68 22.44 21.91
N LEU B 111 -15.88 22.26 20.86
CA LEU B 111 -16.42 22.28 19.51
C LEU B 111 -17.00 23.64 19.16
N SER B 112 -16.30 24.72 19.54
CA SER B 112 -16.79 26.08 19.24
C SER B 112 -16.81 26.27 17.73
N SER B 113 -17.79 27.02 17.24
CA SER B 113 -17.91 27.23 15.80
C SER B 113 -16.66 27.77 15.13
N ARG B 114 -15.99 28.71 15.77
CA ARG B 114 -14.76 29.28 15.18
C ARG B 114 -13.68 28.22 15.03
N ALA B 115 -13.49 27.41 16.06
CA ALA B 115 -12.48 26.36 16.02
C ALA B 115 -12.82 25.31 14.95
N VAL B 116 -14.04 24.79 15.01
CA VAL B 116 -14.47 23.78 14.07
C VAL B 116 -14.39 24.26 12.63
N ASN B 117 -14.91 25.45 12.36
CA ASN B 117 -14.89 25.98 11.01
C ASN B 117 -13.45 26.15 10.49
N HIS B 118 -12.54 26.59 11.35
CA HIS B 118 -11.16 26.72 10.91
C HIS B 118 -10.54 25.35 10.67
N ILE B 119 -10.80 24.41 11.58
CA ILE B 119 -10.26 23.07 11.43
C ILE B 119 -10.75 22.49 10.10
N ARG B 120 -11.99 22.79 9.73
CA ARG B 120 -12.52 22.29 8.47
C ARG B 120 -11.79 22.95 7.30
N SER B 121 -11.51 24.24 7.43
CA SER B 121 -10.83 24.93 6.37
C SER B 121 -9.42 24.38 6.22
N VAL B 122 -8.79 24.01 7.34
CA VAL B 122 -7.45 23.42 7.24
C VAL B 122 -7.53 22.08 6.51
N TRP B 123 -8.56 21.31 6.79
CA TRP B 123 -8.72 20.00 6.14
C TRP B 123 -8.90 20.16 4.63
N GLU B 124 -9.81 21.06 4.24
CA GLU B 124 -10.02 21.31 2.81
C GLU B 124 -8.71 21.69 2.14
N ASP B 125 -7.95 22.57 2.78
CA ASP B 125 -6.68 23.04 2.22
C ASP B 125 -5.68 21.89 1.96
N LEU B 126 -5.68 20.88 2.82
CA LEU B 126 -4.82 19.74 2.60
C LEU B 126 -5.20 19.06 1.28
N LEU B 127 -6.50 19.14 0.93
CA LEU B 127 -7.01 18.53 -0.31
C LEU B 127 -6.81 19.42 -1.52
N GLU B 128 -6.89 20.73 -1.32
CA GLU B 128 -6.74 21.68 -2.42
C GLU B 128 -5.31 22.07 -2.73
N ASP B 129 -4.37 21.80 -1.82
CA ASP B 129 -2.98 22.20 -2.01
C ASP B 129 -2.05 21.06 -1.57
N THR B 130 -1.35 20.48 -2.53
CA THR B 130 -0.45 19.37 -2.25
C THR B 130 1.03 19.74 -2.15
N GLU B 131 1.35 21.04 -2.08
CA GLU B 131 2.76 21.44 -2.05
C GLU B 131 3.26 22.51 -1.06
N THR B 132 2.50 23.57 -0.86
CA THR B 132 2.95 24.63 0.02
C THR B 132 3.31 24.14 1.42
N PRO B 133 4.55 24.37 1.83
CA PRO B 133 5.08 23.98 3.14
C PRO B 133 4.24 24.59 4.25
N ILE B 134 3.86 23.79 5.23
CA ILE B 134 3.06 24.29 6.33
C ILE B 134 3.99 24.86 7.40
N ASP B 135 3.58 25.98 8.00
CA ASP B 135 4.39 26.66 9.01
C ASP B 135 4.48 25.86 10.30
N THR B 136 5.60 26.05 11.00
CA THR B 136 5.81 25.39 12.28
C THR B 136 6.44 26.41 13.20
N THR B 137 6.33 26.17 14.50
CA THR B 137 6.91 27.04 15.51
C THR B 137 8.04 26.24 16.13
N ILE B 138 9.20 26.85 16.30
CA ILE B 138 10.29 26.14 16.94
C ILE B 138 10.52 26.76 18.31
N MET B 139 10.53 25.92 19.35
CA MET B 139 10.71 26.36 20.72
C MET B 139 11.77 25.53 21.43
N ALA B 140 12.26 26.05 22.55
CA ALA B 140 13.24 25.34 23.35
C ALA B 140 12.41 24.67 24.45
N LYS B 141 12.63 23.38 24.66
CA LYS B 141 11.89 22.63 25.68
C LYS B 141 12.47 22.81 27.09
N SER B 142 11.59 22.90 28.08
CA SER B 142 12.01 23.03 29.47
C SER B 142 11.93 21.66 30.13
N GLU B 143 13.08 21.07 30.43
CA GLU B 143 13.14 19.76 31.08
C GLU B 143 14.09 19.87 32.28
N VAL B 144 13.78 19.12 33.34
CA VAL B 144 14.59 19.14 34.56
C VAL B 144 15.54 17.95 34.68
N PHE B 145 16.79 18.22 35.03
CA PHE B 145 17.80 17.19 35.19
C PHE B 145 18.66 17.48 36.41
N CYS B 146 19.65 16.62 36.62
CA CYS B 146 20.59 16.75 37.72
C CYS B 146 21.96 16.92 37.08
N VAL B 147 22.69 17.97 37.47
CA VAL B 147 24.02 18.24 36.91
C VAL B 147 24.87 16.97 36.85
N GLY B 153 29.40 18.19 31.21
CA GLY B 153 28.32 18.41 32.22
C GLY B 153 27.20 19.30 31.71
N ARG B 154 26.01 19.14 32.29
CA ARG B 154 24.82 19.92 31.92
C ARG B 154 24.45 19.81 30.45
N LYS B 155 23.22 19.39 30.17
CA LYS B 155 22.77 19.24 28.79
C LYS B 155 21.94 20.40 28.27
N PRO B 156 22.02 20.66 26.95
CA PRO B 156 21.28 21.75 26.30
C PRO B 156 19.82 21.36 26.06
N ALA B 157 18.95 22.37 25.98
CA ALA B 157 17.53 22.12 25.78
C ALA B 157 17.20 21.42 24.45
N ARG B 158 16.14 20.63 24.47
CA ARG B 158 15.71 19.96 23.26
C ARG B 158 14.96 21.01 22.44
N LEU B 159 14.93 20.84 21.13
CA LEU B 159 14.20 21.76 20.27
C LEU B 159 12.92 21.07 19.84
N ILE B 160 11.78 21.68 20.15
CA ILE B 160 10.49 21.11 19.74
C ILE B 160 9.97 21.89 18.53
N VAL B 161 9.39 21.15 17.57
CA VAL B 161 8.85 21.73 16.34
C VAL B 161 7.43 21.24 16.14
N PHE B 162 6.49 22.17 16.01
CA PHE B 162 5.08 21.80 15.84
C PHE B 162 4.26 22.79 15.02
N PRO B 163 3.23 22.30 14.33
CA PRO B 163 2.33 23.10 13.49
C PRO B 163 1.23 23.72 14.36
N ASP B 164 0.44 24.61 13.74
CA ASP B 164 -0.66 25.27 14.44
C ASP B 164 -1.68 24.23 14.88
N LEU B 165 -2.44 24.58 15.92
CA LEU B 165 -3.47 23.72 16.47
C LEU B 165 -4.44 23.16 15.43
N GLY B 166 -4.92 24.01 14.52
CA GLY B 166 -5.84 23.57 13.50
C GLY B 166 -5.30 22.39 12.72
N VAL B 167 -4.02 22.48 12.37
CA VAL B 167 -3.33 21.42 11.65
C VAL B 167 -3.23 20.16 12.52
N ARG B 168 -2.91 20.33 13.79
CA ARG B 168 -2.76 19.17 14.67
C ARG B 168 -4.03 18.34 14.75
N VAL B 169 -5.19 19.00 14.82
CA VAL B 169 -6.45 18.26 14.88
C VAL B 169 -6.65 17.49 13.57
N CYS B 170 -6.28 18.13 12.46
CA CYS B 170 -6.41 17.48 11.16
C CYS B 170 -5.53 16.24 11.09
N GLU B 171 -4.35 16.29 11.72
CA GLU B 171 -3.47 15.11 11.71
C GLU B 171 -4.18 13.94 12.38
N LYS B 172 -4.88 14.24 13.47
CA LYS B 172 -5.62 13.22 14.22
C LYS B 172 -6.67 12.56 13.34
N MET B 173 -7.44 13.36 12.60
CA MET B 173 -8.49 12.83 11.74
C MET B 173 -7.93 11.85 10.72
N ALA B 174 -6.84 12.24 10.07
CA ALA B 174 -6.25 11.39 9.05
C ALA B 174 -5.31 10.29 9.51
N LEU B 175 -4.69 10.46 10.67
CA LEU B 175 -3.70 9.47 11.08
C LEU B 175 -3.74 8.86 12.48
N TYR B 176 -4.63 9.35 13.35
CA TYR B 176 -4.68 8.82 14.71
C TYR B 176 -4.83 7.30 14.72
N ASP B 177 -5.82 6.79 13.99
CA ASP B 177 -6.07 5.35 13.95
C ASP B 177 -4.84 4.65 13.40
N VAL B 178 -4.27 5.20 12.33
CA VAL B 178 -3.08 4.62 11.73
C VAL B 178 -1.92 4.48 12.74
N VAL B 179 -1.49 5.56 13.39
CA VAL B 179 -0.38 5.46 14.34
C VAL B 179 -0.68 4.63 15.59
N SER B 180 -1.96 4.44 15.88
CA SER B 180 -2.38 3.64 17.04
C SER B 180 -2.45 2.15 16.71
N THR B 181 -2.59 1.83 15.43
CA THR B 181 -2.79 0.46 14.99
C THR B 181 -1.71 -0.18 14.12
N LEU B 182 -1.17 0.57 13.17
CA LEU B 182 -0.18 0.02 12.25
C LEU B 182 1.14 -0.47 12.85
N PRO B 183 1.69 0.24 13.86
CA PRO B 183 2.95 -0.23 14.45
C PRO B 183 2.91 -1.70 14.88
N GLN B 184 1.90 -2.07 15.67
CA GLN B 184 1.79 -3.47 16.11
C GLN B 184 1.53 -4.42 14.95
N ALA B 185 0.79 -3.97 13.94
CA ALA B 185 0.50 -4.85 12.81
C ALA B 185 1.78 -5.15 12.03
N VAL B 186 2.65 -4.16 11.93
CA VAL B 186 3.88 -4.32 11.20
C VAL B 186 5.03 -4.94 12.00
N MET B 187 5.18 -4.53 13.25
CA MET B 187 6.30 -5.02 14.05
C MET B 187 6.04 -6.13 15.05
N GLY B 188 4.78 -6.52 15.21
CA GLY B 188 4.46 -7.59 16.14
C GLY B 188 4.92 -7.33 17.57
N SER B 189 5.49 -8.36 18.20
CA SER B 189 5.95 -8.25 19.58
C SER B 189 7.12 -7.28 19.78
N SER B 190 7.76 -6.89 18.68
CA SER B 190 8.87 -5.95 18.79
C SER B 190 8.43 -4.50 19.03
N TYR B 191 7.12 -4.23 18.93
CA TYR B 191 6.60 -2.88 19.17
C TYR B 191 6.49 -2.66 20.68
N GLY B 192 7.37 -1.83 21.22
CA GLY B 192 7.40 -1.59 22.65
C GLY B 192 6.22 -1.02 23.39
N PHE B 193 5.55 -0.05 22.80
CA PHE B 193 4.43 0.62 23.45
C PHE B 193 3.17 -0.21 23.72
N GLN B 194 3.12 -1.44 23.23
CA GLN B 194 1.97 -2.32 23.47
C GLN B 194 2.12 -2.99 24.83
N TYR B 195 3.27 -2.75 25.47
CA TYR B 195 3.57 -3.37 26.76
C TYR B 195 3.58 -2.46 27.96
N SER B 196 2.96 -2.94 29.04
CA SER B 196 2.97 -2.22 30.30
C SER B 196 4.37 -2.51 30.82
N PRO B 197 4.76 -1.90 31.96
CA PRO B 197 6.12 -2.18 32.46
C PRO B 197 6.35 -3.67 32.73
N LYS B 198 5.40 -4.32 33.41
CA LYS B 198 5.57 -5.75 33.70
C LYS B 198 5.61 -6.58 32.41
N GLN B 199 4.75 -6.25 31.46
CA GLN B 199 4.72 -6.99 30.21
C GLN B 199 6.04 -6.81 29.44
N ARG B 200 6.62 -5.61 29.53
CA ARG B 200 7.88 -5.34 28.84
C ARG B 200 8.98 -6.24 29.40
N VAL B 201 9.01 -6.37 30.72
CA VAL B 201 9.99 -7.23 31.38
C VAL B 201 9.80 -8.68 30.94
N GLU B 202 8.54 -9.12 30.93
CA GLU B 202 8.23 -10.49 30.54
C GLU B 202 8.79 -10.79 29.15
N PHE B 203 8.57 -9.87 28.22
CA PHE B 203 9.06 -10.06 26.86
C PHE B 203 10.59 -10.03 26.82
N LEU B 204 11.20 -9.20 27.66
CA LEU B 204 12.65 -9.12 27.71
C LEU B 204 13.26 -10.41 28.25
N VAL B 205 12.72 -10.90 29.37
CA VAL B 205 13.22 -12.12 29.98
C VAL B 205 13.03 -13.32 29.03
N ASN B 206 11.80 -13.51 28.57
CA ASN B 206 11.48 -14.61 27.66
C ASN B 206 12.32 -14.62 26.39
N THR B 207 12.54 -13.45 25.80
CA THR B 207 13.33 -13.37 24.58
C THR B 207 14.77 -13.76 24.86
N TRP B 208 15.24 -13.39 26.04
CA TRP B 208 16.59 -13.69 26.46
C TRP B 208 16.74 -15.18 26.71
N LYS B 209 15.75 -15.77 27.36
CA LYS B 209 15.78 -17.20 27.66
C LYS B 209 15.61 -18.07 26.43
N SER B 210 14.98 -17.52 25.39
CA SER B 210 14.76 -18.26 24.16
C SER B 210 16.03 -18.51 23.35
N LYS B 211 17.11 -17.83 23.70
CA LYS B 211 18.38 -18.00 22.98
C LYS B 211 19.26 -19.04 23.70
N LYS B 212 20.09 -19.75 22.93
CA LYS B 212 20.98 -20.74 23.52
C LYS B 212 22.00 -19.98 24.35
N CYS B 213 22.73 -19.09 23.69
CA CYS B 213 23.72 -18.24 24.35
C CYS B 213 23.41 -16.81 23.91
N PRO B 214 22.47 -16.15 24.61
CA PRO B 214 22.02 -14.79 24.36
C PRO B 214 23.03 -13.66 24.56
N MET B 215 23.00 -12.71 23.64
CA MET B 215 23.87 -11.54 23.69
C MET B 215 22.97 -10.35 23.38
N GLY B 216 22.96 -9.36 24.25
CA GLY B 216 22.12 -8.21 24.02
C GLY B 216 22.85 -6.88 24.05
N PHE B 217 22.23 -5.88 23.43
CA PHE B 217 22.83 -4.55 23.41
C PHE B 217 21.80 -3.49 23.08
N SER B 218 22.03 -2.30 23.61
CA SER B 218 21.16 -1.18 23.36
C SER B 218 21.90 -0.34 22.32
N TYR B 219 21.15 0.32 21.44
CA TYR B 219 21.76 1.15 20.41
C TYR B 219 21.24 2.57 20.52
N ASP B 220 22.12 3.49 20.88
CA ASP B 220 21.74 4.87 21.00
C ASP B 220 22.03 5.60 19.70
N THR B 221 20.99 6.07 19.04
CA THR B 221 21.20 6.82 17.81
C THR B 221 21.47 8.27 18.21
N ARG B 222 22.54 8.84 17.68
CA ARG B 222 22.88 10.23 17.98
C ARG B 222 21.81 11.19 17.41
N CYS B 223 21.03 11.81 18.28
CA CYS B 223 19.98 12.74 17.86
C CYS B 223 19.22 12.14 16.68
N PHE B 224 18.47 11.07 16.96
CA PHE B 224 17.73 10.35 15.94
C PHE B 224 16.89 11.21 15.00
N ASP B 225 16.11 12.12 15.56
CA ASP B 225 15.26 12.99 14.74
C ASP B 225 15.99 13.68 13.58
N SER B 226 17.17 14.22 13.87
CA SER B 226 17.98 14.93 12.87
C SER B 226 18.53 13.99 11.82
N THR B 227 18.56 12.69 12.11
CA THR B 227 19.08 11.75 11.13
C THR B 227 18.00 11.23 10.19
N VAL B 228 16.73 11.47 10.51
CA VAL B 228 15.64 11.03 9.66
C VAL B 228 15.66 11.84 8.36
N THR B 229 15.77 11.15 7.23
CA THR B 229 15.83 11.81 5.93
C THR B 229 14.47 11.97 5.25
N GLU B 230 14.45 12.81 4.23
CA GLU B 230 13.24 13.02 3.45
C GLU B 230 12.85 11.65 2.92
N SER B 231 13.85 10.86 2.56
CA SER B 231 13.64 9.52 2.05
C SER B 231 12.95 8.63 3.10
N ASP B 232 13.41 8.68 4.36
CA ASP B 232 12.80 7.88 5.42
C ASP B 232 11.33 8.25 5.62
N ILE B 233 11.02 9.54 5.50
CA ILE B 233 9.65 10.00 5.69
C ILE B 233 8.74 9.55 4.56
N ARG B 234 9.25 9.49 3.33
CA ARG B 234 8.44 9.03 2.19
C ARG B 234 8.32 7.52 2.25
N VAL B 235 9.37 6.85 2.74
CA VAL B 235 9.31 5.40 2.89
C VAL B 235 8.23 5.14 3.92
N GLU B 236 8.27 5.92 5.00
CA GLU B 236 7.30 5.82 6.08
C GLU B 236 5.89 6.02 5.49
N GLU B 237 5.73 7.01 4.63
CA GLU B 237 4.43 7.25 4.02
C GLU B 237 4.01 6.03 3.18
N SER B 238 4.97 5.43 2.47
CA SER B 238 4.64 4.28 1.63
C SER B 238 4.08 3.15 2.47
N ILE B 239 4.54 3.05 3.73
CA ILE B 239 4.02 2.01 4.62
C ILE B 239 2.57 2.33 4.97
N TYR B 240 2.30 3.59 5.34
CA TYR B 240 0.94 4.03 5.69
C TYR B 240 -0.04 3.85 4.54
N GLN B 241 0.44 4.09 3.31
CA GLN B 241 -0.41 3.99 2.13
C GLN B 241 -0.85 2.55 1.87
N CYS B 242 -0.24 1.58 2.53
CA CYS B 242 -0.62 0.17 2.36
C CYS B 242 -1.91 -0.12 3.11
N CYS B 243 -2.34 0.83 3.93
CA CYS B 243 -3.58 0.67 4.68
C CYS B 243 -4.77 0.94 3.79
N ASP B 244 -5.90 0.29 4.08
CA ASP B 244 -7.12 0.57 3.34
C ASP B 244 -7.52 1.89 3.99
N LEU B 245 -7.74 2.93 3.17
CA LEU B 245 -8.05 4.26 3.68
C LEU B 245 -9.10 5.00 2.89
N ALA B 246 -9.88 5.83 3.59
CA ALA B 246 -10.88 6.65 2.93
C ALA B 246 -10.09 7.57 1.98
N PRO B 247 -10.71 7.96 0.86
CA PRO B 247 -10.07 8.84 -0.13
C PRO B 247 -9.39 10.09 0.43
N GLU B 248 -10.12 10.85 1.26
CA GLU B 248 -9.57 12.08 1.80
C GLU B 248 -8.42 11.83 2.79
N ALA B 249 -8.41 10.65 3.41
CA ALA B 249 -7.34 10.31 4.35
C ALA B 249 -6.07 10.08 3.55
N ARG B 250 -6.18 9.39 2.42
CA ARG B 250 -5.01 9.15 1.58
C ARG B 250 -4.41 10.49 1.17
N GLN B 251 -5.26 11.38 0.70
CA GLN B 251 -4.82 12.69 0.25
C GLN B 251 -4.24 13.49 1.39
N ALA B 252 -4.92 13.49 2.54
CA ALA B 252 -4.42 14.23 3.69
C ALA B 252 -3.03 13.71 4.07
N ILE B 253 -2.88 12.40 4.12
CA ILE B 253 -1.58 11.82 4.44
C ILE B 253 -0.54 12.20 3.38
N ARG B 254 -0.94 12.17 2.10
CA ARG B 254 -0.04 12.52 1.01
C ARG B 254 0.44 13.98 1.17
N SER B 255 -0.50 14.89 1.41
CA SER B 255 -0.17 16.31 1.58
C SER B 255 0.61 16.62 2.84
N LEU B 256 0.23 16.00 3.95
CA LEU B 256 0.93 16.24 5.21
C LEU B 256 2.38 15.78 5.10
N THR B 257 2.61 14.72 4.33
CA THR B 257 3.96 14.21 4.15
C THR B 257 4.85 15.22 3.45
N GLU B 258 4.37 15.74 2.32
CA GLU B 258 5.13 16.71 1.52
C GLU B 258 5.18 18.14 2.08
N ARG B 259 4.13 18.56 2.78
CA ARG B 259 4.03 19.91 3.32
C ARG B 259 4.47 20.08 4.76
N LEU B 260 4.53 18.99 5.51
CA LEU B 260 4.87 19.08 6.92
C LEU B 260 5.91 18.05 7.42
N TYR B 261 5.61 16.77 7.27
CA TYR B 261 6.50 15.74 7.76
C TYR B 261 7.91 15.73 7.16
N ILE B 262 7.99 15.96 5.86
CA ILE B 262 9.27 15.97 5.15
C ILE B 262 10.17 17.14 5.58
N GLY B 263 9.55 18.26 5.95
CA GLY B 263 10.30 19.43 6.36
C GLY B 263 9.49 20.70 6.20
N GLY B 264 10.09 21.84 6.53
CA GLY B 264 9.41 23.11 6.39
C GLY B 264 10.08 24.27 7.12
N PRO B 265 9.57 25.49 6.96
CA PRO B 265 10.12 26.67 7.61
C PRO B 265 9.90 26.62 9.13
N LEU B 266 10.83 27.25 9.86
CA LEU B 266 10.78 27.33 11.32
C LEU B 266 10.58 28.79 11.76
N THR B 267 9.57 29.02 12.57
CA THR B 267 9.27 30.38 13.06
C THR B 267 9.37 30.43 14.57
N ASN B 268 10.08 31.41 15.11
CA ASN B 268 10.21 31.50 16.56
C ASN B 268 8.96 32.12 17.16
N SER B 269 8.94 32.25 18.49
CA SER B 269 7.78 32.78 19.19
C SER B 269 7.45 34.22 18.81
N LYS B 270 8.43 34.93 18.24
CA LYS B 270 8.25 36.33 17.83
C LYS B 270 7.79 36.48 16.38
N GLY B 271 7.48 35.38 15.72
CA GLY B 271 7.03 35.49 14.33
C GLY B 271 8.15 35.64 13.31
N GLN B 272 9.38 35.39 13.71
CA GLN B 272 10.53 35.52 12.81
C GLN B 272 10.96 34.18 12.22
N ASN B 273 11.35 34.19 10.96
CA ASN B 273 11.81 32.98 10.28
C ASN B 273 13.21 32.62 10.81
N CYS B 274 13.31 31.48 11.49
CA CYS B 274 14.56 31.01 12.06
C CYS B 274 15.36 30.13 11.10
N GLY B 275 14.69 29.61 10.07
CA GLY B 275 15.37 28.73 9.12
C GLY B 275 14.47 27.65 8.53
N TYR B 276 15.07 26.54 8.12
CA TYR B 276 14.33 25.44 7.50
C TYR B 276 14.73 24.07 8.04
N ARG B 277 13.76 23.17 8.11
CA ARG B 277 13.95 21.80 8.61
C ARG B 277 13.78 20.78 7.47
N ARG B 278 14.64 19.77 7.43
CA ARG B 278 14.56 18.73 6.40
C ARG B 278 14.72 17.40 7.09
N CYS B 279 14.21 17.33 8.32
CA CYS B 279 14.28 16.12 9.12
C CYS B 279 13.01 16.01 9.94
N ARG B 280 13.00 15.08 10.89
CA ARG B 280 11.84 14.83 11.73
C ARG B 280 11.48 16.00 12.65
N ALA B 281 10.20 16.35 12.66
CA ALA B 281 9.72 17.40 13.55
C ALA B 281 9.33 16.62 14.81
N SER B 282 9.73 17.13 15.96
CA SER B 282 9.43 16.45 17.23
C SER B 282 7.95 16.49 17.62
N GLY B 283 7.25 17.54 17.23
CA GLY B 283 5.86 17.67 17.63
C GLY B 283 4.74 17.47 16.63
N VAL B 284 4.70 16.30 16.00
CA VAL B 284 3.65 15.97 15.04
C VAL B 284 3.15 14.58 15.39
N LEU B 285 1.92 14.28 14.99
CA LEU B 285 1.32 13.00 15.34
C LEU B 285 2.12 11.78 14.94
N THR B 286 2.71 11.81 13.75
CA THR B 286 3.50 10.67 13.27
C THR B 286 4.87 10.47 13.89
N THR B 287 5.33 11.41 14.70
CA THR B 287 6.67 11.26 15.24
C THR B 287 7.00 9.94 15.93
N SER B 288 6.19 9.55 16.90
CA SER B 288 6.45 8.28 17.60
C SER B 288 6.41 7.08 16.65
N CYS B 289 5.28 6.91 15.96
CA CYS B 289 5.13 5.79 15.03
C CYS B 289 6.21 5.82 13.93
N GLY B 290 6.42 7.00 13.36
CA GLY B 290 7.44 7.16 12.33
C GLY B 290 8.84 6.75 12.79
N ASN B 291 9.27 7.21 13.95
CA ASN B 291 10.60 6.85 14.43
C ASN B 291 10.71 5.36 14.76
N THR B 292 9.65 4.80 15.37
CA THR B 292 9.64 3.38 15.69
C THR B 292 9.82 2.57 14.41
N LEU B 293 9.00 2.85 13.39
CA LEU B 293 9.09 2.14 12.12
C LEU B 293 10.47 2.35 11.47
N THR B 294 10.92 3.59 11.42
CA THR B 294 12.21 3.89 10.81
C THR B 294 13.36 3.23 11.57
N CYS B 295 13.31 3.26 12.90
CA CYS B 295 14.36 2.66 13.71
C CYS B 295 14.37 1.13 13.51
N TYR B 296 13.18 0.54 13.54
CA TYR B 296 13.05 -0.92 13.35
C TYR B 296 13.51 -1.33 11.95
N LEU B 297 13.14 -0.55 10.95
CA LEU B 297 13.53 -0.87 9.58
C LEU B 297 15.05 -0.91 9.40
N LYS B 298 15.73 0.13 9.87
CA LYS B 298 17.18 0.21 9.73
C LYS B 298 17.88 -0.86 10.57
N ALA B 299 17.44 -1.02 11.82
CA ALA B 299 18.03 -2.00 12.72
C ALA B 299 17.90 -3.42 12.19
N THR B 300 16.69 -3.81 11.81
CA THR B 300 16.43 -5.16 11.30
C THR B 300 17.30 -5.47 10.08
N ALA B 301 17.45 -4.49 9.18
CA ALA B 301 18.26 -4.69 7.98
C ALA B 301 19.73 -4.67 8.37
N ALA B 302 20.09 -3.79 9.32
CA ALA B 302 21.47 -3.69 9.76
C ALA B 302 21.95 -5.04 10.27
N CYS B 303 21.11 -5.73 11.03
CA CYS B 303 21.47 -7.04 11.55
C CYS B 303 21.77 -8.07 10.47
N ARG B 304 21.05 -8.00 9.36
CA ARG B 304 21.28 -8.95 8.27
C ARG B 304 22.61 -8.62 7.59
N ALA B 305 22.91 -7.34 7.47
CA ALA B 305 24.15 -6.92 6.85
C ALA B 305 25.30 -7.27 7.80
N ALA B 306 25.07 -7.09 9.09
CA ALA B 306 26.08 -7.40 10.11
C ALA B 306 26.17 -8.90 10.36
N LYS B 307 25.25 -9.64 9.74
CA LYS B 307 25.18 -11.08 9.87
C LYS B 307 25.05 -11.56 11.30
N LEU B 308 24.20 -10.89 12.07
CA LEU B 308 23.94 -11.26 13.45
C LEU B 308 22.89 -12.36 13.41
N GLN B 309 22.98 -13.31 14.34
CA GLN B 309 22.05 -14.44 14.40
C GLN B 309 20.84 -14.21 15.30
N ASP B 310 19.66 -14.61 14.82
CA ASP B 310 18.42 -14.48 15.56
C ASP B 310 18.25 -13.16 16.30
N CYS B 311 18.22 -12.06 15.57
CA CYS B 311 18.05 -10.76 16.18
C CYS B 311 16.60 -10.50 16.51
N THR B 312 16.32 -10.23 17.77
CA THR B 312 14.96 -9.90 18.19
C THR B 312 15.01 -8.44 18.62
N MET B 313 14.12 -7.63 18.08
CA MET B 313 14.10 -6.21 18.41
C MET B 313 13.02 -5.84 19.42
N LEU B 314 13.23 -4.70 20.05
CA LEU B 314 12.27 -4.13 20.99
C LEU B 314 12.50 -2.64 20.76
N VAL B 315 11.54 -2.03 20.07
CA VAL B 315 11.65 -0.64 19.69
C VAL B 315 10.57 0.27 20.24
N ASN B 316 10.98 1.41 20.78
CA ASN B 316 10.06 2.42 21.31
C ASN B 316 10.58 3.71 20.69
N GLY B 317 9.95 4.16 19.61
CA GLY B 317 10.41 5.38 18.96
C GLY B 317 11.85 5.18 18.53
N ASP B 318 12.73 6.07 18.97
CA ASP B 318 14.14 5.98 18.63
C ASP B 318 14.94 5.12 19.62
N ASP B 319 14.25 4.54 20.59
CA ASP B 319 14.92 3.70 21.60
C ASP B 319 14.93 2.26 21.09
N LEU B 320 16.13 1.74 20.94
CA LEU B 320 16.31 0.38 20.41
C LEU B 320 17.18 -0.51 21.26
N VAL B 321 16.70 -1.73 21.48
CA VAL B 321 17.44 -2.73 22.22
C VAL B 321 17.37 -4.02 21.40
N VAL B 322 18.50 -4.69 21.24
CA VAL B 322 18.56 -5.91 20.44
C VAL B 322 19.05 -7.10 21.26
N ILE B 323 18.47 -8.27 21.02
CA ILE B 323 18.86 -9.50 21.70
C ILE B 323 18.99 -10.61 20.68
N CYS B 324 20.22 -11.04 20.44
CA CYS B 324 20.49 -12.08 19.47
C CYS B 324 21.23 -13.29 20.04
N GLU B 325 21.64 -14.18 19.12
CA GLU B 325 22.35 -15.40 19.46
C GLU B 325 23.86 -15.16 19.35
N SER B 326 24.56 -15.28 20.48
CA SER B 326 26.00 -15.04 20.49
C SER B 326 26.81 -16.10 19.73
N ALA B 327 27.88 -15.64 19.10
CA ALA B 327 28.77 -16.52 18.35
C ALA B 327 30.16 -16.50 18.95
N GLY B 328 30.28 -15.82 20.09
CA GLY B 328 31.57 -15.71 20.76
C GLY B 328 31.92 -14.26 21.07
N THR B 329 32.71 -14.05 22.11
CA THR B 329 33.09 -12.69 22.49
C THR B 329 33.75 -11.93 21.35
N GLN B 330 34.76 -12.54 20.74
CA GLN B 330 35.47 -11.90 19.64
C GLN B 330 34.56 -11.56 18.47
N GLU B 331 33.81 -12.54 17.98
CA GLU B 331 32.91 -12.32 16.85
C GLU B 331 31.76 -11.36 17.14
N ASP B 332 31.22 -11.41 18.36
CA ASP B 332 30.11 -10.51 18.73
C ASP B 332 30.56 -9.06 18.60
N ALA B 333 31.68 -8.72 19.21
CA ALA B 333 32.19 -7.36 19.16
C ALA B 333 32.42 -6.92 17.70
N ALA B 334 32.86 -7.85 16.87
CA ALA B 334 33.12 -7.55 15.46
C ALA B 334 31.80 -7.38 14.70
N ALA B 335 30.83 -8.23 15.02
CA ALA B 335 29.53 -8.17 14.36
C ALA B 335 28.82 -6.87 14.75
N LEU B 336 28.94 -6.49 16.02
CA LEU B 336 28.31 -5.27 16.50
C LEU B 336 28.90 -4.04 15.81
N ARG B 337 30.20 -4.07 15.52
CA ARG B 337 30.87 -2.97 14.84
C ARG B 337 30.32 -2.90 13.41
N ALA B 338 30.08 -4.06 12.82
CA ALA B 338 29.56 -4.11 11.46
C ALA B 338 28.13 -3.57 11.48
N PHE B 339 27.40 -3.88 12.56
CA PHE B 339 26.03 -3.44 12.74
C PHE B 339 25.99 -1.92 12.73
N THR B 340 26.89 -1.32 13.50
CA THR B 340 26.98 0.13 13.59
C THR B 340 27.32 0.74 12.24
N GLU B 341 28.25 0.12 11.51
CA GLU B 341 28.63 0.62 10.19
C GLU B 341 27.42 0.64 9.28
N ALA B 342 26.61 -0.42 9.34
CA ALA B 342 25.41 -0.53 8.52
C ALA B 342 24.35 0.52 8.90
N MET B 343 24.12 0.69 10.20
CA MET B 343 23.17 1.68 10.67
C MET B 343 23.64 3.05 10.25
N THR B 344 24.96 3.24 10.25
CA THR B 344 25.55 4.51 9.87
C THR B 344 25.35 4.81 8.38
N ARG B 345 25.43 3.79 7.54
CA ARG B 345 25.21 4.03 6.12
C ARG B 345 23.74 4.42 5.95
N TYR B 346 22.88 3.78 6.74
CA TYR B 346 21.43 4.04 6.70
C TYR B 346 21.04 5.37 7.33
N SER B 347 22.03 6.20 7.67
CA SER B 347 21.78 7.50 8.28
C SER B 347 21.17 7.39 9.69
N ALA B 348 21.81 6.58 10.52
CA ALA B 348 21.40 6.38 11.92
C ALA B 348 22.68 6.16 12.72
N PRO B 349 23.62 7.10 12.64
CA PRO B 349 24.90 6.99 13.37
C PRO B 349 24.71 6.85 14.87
N PRO B 350 25.69 6.25 15.55
CA PRO B 350 25.64 6.03 16.99
C PRO B 350 26.01 7.25 17.84
N GLY B 351 25.40 7.32 19.02
CA GLY B 351 25.71 8.38 19.95
C GLY B 351 26.78 7.73 20.80
N ASP B 352 26.36 7.03 21.85
CA ASP B 352 27.29 6.32 22.71
C ASP B 352 27.59 5.01 21.97
N PRO B 353 28.88 4.69 21.79
CA PRO B 353 29.18 3.43 21.09
C PRO B 353 28.44 2.28 21.77
N PRO B 354 27.86 1.36 20.97
CA PRO B 354 27.14 0.22 21.55
C PRO B 354 28.10 -0.84 22.08
N GLN B 355 27.71 -1.50 23.17
CA GLN B 355 28.52 -2.55 23.76
C GLN B 355 27.75 -3.83 24.01
N PRO B 356 28.30 -4.97 23.60
CA PRO B 356 27.62 -6.25 23.81
C PRO B 356 27.55 -6.60 25.30
N GLU B 357 26.41 -7.13 25.73
CA GLU B 357 26.21 -7.52 27.11
C GLU B 357 25.74 -8.96 27.17
N TYR B 358 26.22 -9.71 28.15
CA TYR B 358 25.85 -11.12 28.31
C TYR B 358 25.08 -11.33 29.61
N ASP B 359 24.62 -10.22 30.18
CA ASP B 359 23.85 -10.21 31.41
C ASP B 359 22.66 -9.27 31.18
N LEU B 360 21.48 -9.85 31.04
CA LEU B 360 20.26 -9.08 30.79
C LEU B 360 20.08 -7.86 31.69
N GLU B 361 20.47 -8.00 32.95
CA GLU B 361 20.32 -6.92 33.93
C GLU B 361 21.19 -5.70 33.65
N LEU B 362 22.25 -5.87 32.87
CA LEU B 362 23.15 -4.76 32.56
C LEU B 362 22.70 -3.93 31.36
N ILE B 363 21.70 -4.43 30.64
CA ILE B 363 21.21 -3.72 29.48
C ILE B 363 20.23 -2.62 29.85
N THR B 364 20.47 -1.43 29.33
CA THR B 364 19.61 -0.30 29.59
C THR B 364 18.88 0.13 28.32
N SER B 365 17.54 0.04 28.36
CA SER B 365 16.70 0.42 27.23
C SER B 365 15.53 1.24 27.78
N CYS B 366 15.17 2.32 27.08
CA CYS B 366 14.10 3.21 27.52
C CYS B 366 14.48 3.77 28.89
N SER B 367 15.77 4.00 29.09
CA SER B 367 16.29 4.53 30.34
C SER B 367 16.02 3.57 31.52
N SER B 368 15.68 2.33 31.21
CA SER B 368 15.37 1.34 32.24
C SER B 368 16.14 0.04 32.09
N ASN B 369 16.11 -0.77 33.14
CA ASN B 369 16.76 -2.08 33.12
C ASN B 369 15.96 -3.05 33.97
N VAL B 370 16.17 -4.34 33.74
CA VAL B 370 15.49 -5.37 34.50
C VAL B 370 16.31 -5.71 35.74
N SER B 371 15.63 -5.90 36.87
CA SER B 371 16.28 -6.26 38.12
C SER B 371 15.37 -7.28 38.81
N VAL B 372 15.85 -7.85 39.92
CA VAL B 372 15.06 -8.84 40.62
C VAL B 372 14.94 -8.62 42.12
N ALA B 373 13.76 -8.94 42.65
CA ALA B 373 13.48 -8.80 44.06
C ALA B 373 12.82 -10.10 44.52
N HIS B 374 12.04 -10.05 45.60
CA HIS B 374 11.37 -11.24 46.10
C HIS B 374 10.03 -10.89 46.69
N ASP B 375 9.01 -11.70 46.41
CA ASP B 375 7.67 -11.44 46.95
C ASP B 375 7.54 -12.05 48.35
N ALA B 376 6.38 -11.87 48.97
CA ALA B 376 6.15 -12.38 50.31
C ALA B 376 6.45 -13.88 50.42
N SER B 377 6.19 -14.60 49.34
CA SER B 377 6.41 -16.04 49.31
C SER B 377 7.89 -16.36 49.13
N GLY B 378 8.70 -15.31 48.94
CA GLY B 378 10.13 -15.51 48.76
C GLY B 378 10.52 -15.89 47.35
N LYS B 379 9.59 -15.77 46.42
CA LYS B 379 9.85 -16.13 45.02
C LYS B 379 10.56 -14.99 44.29
N ARG B 380 11.48 -15.36 43.39
CA ARG B 380 12.22 -14.39 42.59
C ARG B 380 11.25 -13.76 41.60
N VAL B 381 11.11 -12.44 41.69
CA VAL B 381 10.20 -11.69 40.81
C VAL B 381 10.96 -10.61 40.05
N TYR B 382 10.71 -10.51 38.75
CA TYR B 382 11.38 -9.50 37.93
C TYR B 382 10.49 -8.26 37.83
N TYR B 383 11.13 -7.09 37.77
CA TYR B 383 10.42 -5.82 37.66
C TYR B 383 11.30 -4.86 36.88
N LEU B 384 10.73 -3.74 36.47
CA LEU B 384 11.48 -2.75 35.70
C LEU B 384 11.91 -1.60 36.60
N THR B 385 13.17 -1.21 36.51
CA THR B 385 13.67 -0.09 37.31
C THR B 385 14.56 0.83 36.48
N ARG B 386 15.13 1.84 37.11
CA ARG B 386 16.02 2.79 36.45
C ARG B 386 16.72 3.63 37.50
N ASP B 387 17.78 4.33 37.09
CA ASP B 387 18.50 5.21 38.00
C ASP B 387 17.46 6.29 38.31
N PRO B 388 17.19 6.52 39.61
CA PRO B 388 16.22 7.49 40.11
C PRO B 388 16.60 8.96 40.10
N THR B 389 17.82 9.28 39.68
CA THR B 389 18.28 10.67 39.67
C THR B 389 17.28 11.64 39.02
N THR B 390 17.05 11.47 37.72
CA THR B 390 16.12 12.34 37.01
C THR B 390 14.73 12.38 37.67
N PRO B 391 14.11 11.22 37.89
CA PRO B 391 12.78 11.23 38.53
C PRO B 391 12.75 12.01 39.86
N LEU B 392 13.79 11.83 40.70
CA LEU B 392 13.84 12.52 41.98
C LEU B 392 14.02 14.02 41.80
N ALA B 393 14.86 14.40 40.84
CA ALA B 393 15.10 15.82 40.56
C ALA B 393 13.81 16.49 40.08
N ARG B 394 13.06 15.77 39.26
CA ARG B 394 11.81 16.32 38.74
C ARG B 394 10.76 16.35 39.83
N ALA B 395 10.82 15.37 40.73
CA ALA B 395 9.89 15.32 41.84
C ALA B 395 10.17 16.53 42.73
N ALA B 396 11.45 16.88 42.86
CA ALA B 396 11.83 18.04 43.67
C ALA B 396 11.30 19.31 43.02
N TRP B 397 11.51 19.42 41.70
CA TRP B 397 11.06 20.57 40.94
C TRP B 397 9.55 20.74 41.02
N GLU B 398 8.83 19.62 40.94
CA GLU B 398 7.37 19.64 40.98
C GLU B 398 6.81 19.89 42.38
N THR B 399 7.67 19.78 43.39
CA THR B 399 7.24 20.03 44.76
C THR B 399 7.24 21.54 45.01
N ALA B 400 8.32 22.20 44.59
CA ALA B 400 8.48 23.64 44.78
C ALA B 400 7.70 24.49 43.77
N ARG B 401 7.76 24.12 42.50
CA ARG B 401 7.06 24.89 41.46
C ARG B 401 5.84 24.15 40.90
N HIS B 402 4.79 24.91 40.59
CA HIS B 402 3.58 24.33 40.03
C HIS B 402 3.82 23.90 38.58
N THR B 403 3.40 22.68 38.24
CA THR B 403 3.59 22.18 36.88
C THR B 403 2.36 21.49 36.31
N PRO B 404 2.09 21.71 35.01
CA PRO B 404 0.94 21.13 34.31
C PRO B 404 0.95 19.62 34.43
N ILE B 405 2.05 19.01 33.99
CA ILE B 405 2.21 17.57 34.04
C ILE B 405 3.02 17.13 35.27
N ASN B 406 2.53 16.11 35.97
CA ASN B 406 3.19 15.60 37.16
C ASN B 406 3.93 14.31 36.87
N SER B 407 5.24 14.42 36.65
CA SER B 407 6.03 13.23 36.36
C SER B 407 6.08 12.28 37.56
N TRP B 408 5.95 12.82 38.77
CA TRP B 408 6.03 11.95 39.95
C TRP B 408 4.90 10.90 39.98
N LEU B 409 3.70 11.32 39.57
CA LEU B 409 2.56 10.42 39.56
C LEU B 409 2.81 9.36 38.49
N GLY B 410 3.33 9.76 37.34
CA GLY B 410 3.60 8.80 36.29
C GLY B 410 4.68 7.80 36.66
N ASN B 411 5.74 8.27 37.30
CA ASN B 411 6.83 7.39 37.71
C ASN B 411 6.36 6.42 38.79
N ILE B 412 5.49 6.88 39.68
CA ILE B 412 4.98 6.02 40.73
C ILE B 412 4.22 4.86 40.09
N ILE B 413 3.43 5.18 39.06
CA ILE B 413 2.64 4.18 38.36
C ILE B 413 3.50 3.19 37.58
N MET B 414 4.39 3.73 36.76
CA MET B 414 5.27 2.89 35.95
C MET B 414 6.35 2.17 36.74
N TYR B 415 6.77 2.74 37.87
CA TYR B 415 7.83 2.13 38.68
C TYR B 415 7.44 1.75 40.11
N ALA B 416 6.14 1.55 40.32
CA ALA B 416 5.62 1.19 41.63
C ALA B 416 6.35 0.06 42.37
N PRO B 417 6.84 -0.96 41.66
CA PRO B 417 7.54 -2.05 42.36
C PRO B 417 8.94 -1.70 42.87
N THR B 418 9.55 -0.67 42.30
CA THR B 418 10.91 -0.29 42.68
C THR B 418 11.08 0.22 44.10
N LEU B 419 12.27 -0.02 44.63
CA LEU B 419 12.63 0.40 45.97
C LEU B 419 12.48 1.92 46.13
N TRP B 420 13.04 2.68 45.21
CA TRP B 420 12.97 4.15 45.30
C TRP B 420 11.58 4.75 45.15
N ALA B 421 10.76 4.18 44.29
CA ALA B 421 9.42 4.73 44.10
C ALA B 421 8.56 4.53 45.36
N ARG B 422 8.69 3.37 45.99
CA ARG B 422 7.94 3.04 47.18
C ARG B 422 8.36 3.81 48.43
N MET B 423 9.66 3.77 48.74
CA MET B 423 10.18 4.44 49.93
C MET B 423 10.27 5.96 49.85
N ILE B 424 10.48 6.51 48.65
CA ILE B 424 10.61 7.96 48.51
C ILE B 424 9.44 8.69 47.84
N LEU B 425 9.15 8.39 46.57
CA LEU B 425 8.06 9.04 45.86
C LEU B 425 6.70 8.91 46.52
N MET B 426 6.31 7.69 46.90
CA MET B 426 5.02 7.48 47.55
C MET B 426 4.92 8.18 48.90
N THR B 427 5.98 8.08 49.69
CA THR B 427 6.01 8.70 51.01
C THR B 427 5.94 10.22 50.90
N HIS B 428 6.86 10.79 50.14
CA HIS B 428 6.94 12.22 49.96
C HIS B 428 5.65 12.89 49.52
N PHE B 429 5.12 12.46 48.38
CA PHE B 429 3.90 13.06 47.85
C PHE B 429 2.61 12.82 48.61
N PHE B 430 2.47 11.67 49.26
CA PHE B 430 1.24 11.44 50.01
C PHE B 430 1.20 12.33 51.25
N SER B 431 2.36 12.64 51.81
CA SER B 431 2.43 13.51 52.98
C SER B 431 1.92 14.88 52.56
N ILE B 432 2.44 15.37 51.43
CA ILE B 432 2.06 16.67 50.91
C ILE B 432 0.56 16.74 50.62
N LEU B 433 0.03 15.69 50.00
CA LEU B 433 -1.40 15.65 49.69
C LEU B 433 -2.23 15.54 50.97
N LEU B 434 -1.63 14.96 52.00
CA LEU B 434 -2.32 14.84 53.28
C LEU B 434 -2.40 16.21 53.94
N ALA B 435 -1.25 16.88 54.01
CA ALA B 435 -1.16 18.19 54.61
C ALA B 435 -2.00 19.22 53.86
N GLN B 436 -2.09 19.07 52.55
CA GLN B 436 -2.85 19.99 51.71
C GLN B 436 -4.29 19.52 51.50
N GLU B 437 -4.59 18.29 51.95
CA GLU B 437 -5.92 17.72 51.82
C GLU B 437 -6.35 17.61 50.36
N GLN B 438 -5.39 17.37 49.48
CA GLN B 438 -5.68 17.25 48.05
C GLN B 438 -5.60 15.81 47.56
N LEU B 439 -6.01 14.87 48.40
CA LEU B 439 -5.99 13.46 48.03
C LEU B 439 -7.10 13.18 47.02
N GLU B 440 -8.13 14.00 47.06
CA GLU B 440 -9.29 13.88 46.18
C GLU B 440 -9.08 14.46 44.79
N LYS B 441 -8.17 15.41 44.66
CA LYS B 441 -7.90 16.06 43.38
C LYS B 441 -7.16 15.19 42.38
N ALA B 442 -7.75 15.05 41.19
CA ALA B 442 -7.14 14.29 40.11
C ALA B 442 -6.06 15.15 39.47
N LEU B 443 -5.00 14.50 38.99
CA LEU B 443 -3.89 15.20 38.38
C LEU B 443 -3.53 14.63 37.01
N ASP B 444 -2.97 15.45 36.15
CA ASP B 444 -2.57 14.97 34.83
C ASP B 444 -1.15 14.43 34.86
N CYS B 445 -0.90 13.42 34.04
CA CYS B 445 0.44 12.83 33.92
C CYS B 445 0.51 12.15 32.57
N GLN B 446 1.71 11.95 32.06
CA GLN B 446 1.83 11.31 30.77
C GLN B 446 2.35 9.89 30.84
N ILE B 447 1.80 9.05 29.98
CA ILE B 447 2.20 7.64 29.88
C ILE B 447 2.44 7.37 28.40
N TYR B 448 3.69 7.17 28.03
CA TYR B 448 4.07 6.94 26.65
C TYR B 448 3.66 8.11 25.77
N GLY B 449 3.69 9.33 26.34
CA GLY B 449 3.34 10.51 25.57
C GLY B 449 1.90 11.00 25.68
N ALA B 450 0.96 10.10 25.95
CA ALA B 450 -0.44 10.48 26.06
C ALA B 450 -0.74 11.02 27.46
N CYS B 451 -1.47 12.14 27.51
CA CYS B 451 -1.83 12.76 28.78
C CYS B 451 -3.05 12.08 29.41
N TYR B 452 -2.95 11.76 30.69
CA TYR B 452 -4.04 11.10 31.40
C TYR B 452 -4.39 11.82 32.69
N SER B 453 -5.67 11.76 33.05
CA SER B 453 -6.16 12.38 34.27
C SER B 453 -6.27 11.24 35.28
N ILE B 454 -5.55 11.34 36.39
CA ILE B 454 -5.56 10.29 37.39
C ILE B 454 -5.77 10.74 38.83
N GLU B 455 -6.53 9.94 39.58
CA GLU B 455 -6.81 10.23 40.97
C GLU B 455 -5.82 9.45 41.83
N PRO B 456 -5.02 10.16 42.64
CA PRO B 456 -4.02 9.55 43.52
C PRO B 456 -4.57 8.38 44.35
N LEU B 457 -5.83 8.50 44.78
CA LEU B 457 -6.47 7.47 45.59
C LEU B 457 -6.75 6.16 44.85
N ASP B 458 -6.59 6.16 43.53
CA ASP B 458 -6.83 4.92 42.78
C ASP B 458 -5.54 4.15 42.51
N LEU B 459 -4.43 4.68 43.01
CA LEU B 459 -3.12 4.04 42.82
C LEU B 459 -3.04 2.58 43.28
N PRO B 460 -3.68 2.25 44.41
CA PRO B 460 -3.62 0.86 44.89
C PRO B 460 -4.17 -0.10 43.85
N GLN B 461 -5.34 0.25 43.32
CA GLN B 461 -6.02 -0.54 42.30
C GLN B 461 -5.16 -0.59 41.05
N ILE B 462 -4.85 0.59 40.51
CA ILE B 462 -4.05 0.72 39.32
C ILE B 462 -2.78 -0.11 39.42
N ILE B 463 -2.04 0.10 40.51
CA ILE B 463 -0.80 -0.63 40.70
C ILE B 463 -1.00 -2.14 40.68
N GLU B 464 -2.07 -2.64 41.29
CA GLU B 464 -2.35 -4.08 41.30
C GLU B 464 -2.58 -4.60 39.87
N ARG B 465 -3.40 -3.89 39.10
CA ARG B 465 -3.69 -4.30 37.74
C ARG B 465 -2.47 -4.36 36.84
N LEU B 466 -1.62 -3.35 36.94
CA LEU B 466 -0.43 -3.28 36.10
C LEU B 466 0.75 -4.14 36.53
N HIS B 467 1.04 -4.16 37.83
CA HIS B 467 2.18 -4.91 38.35
C HIS B 467 1.85 -6.19 39.14
N GLY B 468 0.67 -6.23 39.74
CA GLY B 468 0.28 -7.39 40.53
C GLY B 468 0.61 -7.16 42.00
N LEU B 469 -0.04 -7.92 42.88
CA LEU B 469 0.17 -7.78 44.32
C LEU B 469 1.64 -7.77 44.78
N SER B 470 2.50 -8.48 44.06
CA SER B 470 3.92 -8.53 44.44
C SER B 470 4.55 -7.14 44.53
N ALA B 471 3.91 -6.14 43.93
CA ALA B 471 4.41 -4.78 43.95
C ALA B 471 4.35 -4.17 45.35
N PHE B 472 3.43 -4.69 46.17
CA PHE B 472 3.26 -4.21 47.53
C PHE B 472 3.96 -5.12 48.54
N THR B 473 4.64 -6.15 48.05
CA THR B 473 5.32 -7.08 48.94
C THR B 473 6.80 -7.35 48.65
N LEU B 474 7.30 -6.85 47.52
CA LEU B 474 8.70 -7.08 47.18
C LEU B 474 9.66 -6.63 48.28
N HIS B 475 10.75 -7.39 48.42
CA HIS B 475 11.77 -7.11 49.42
C HIS B 475 13.05 -7.81 48.99
N SER B 476 14.11 -7.63 49.76
CA SER B 476 15.37 -8.28 49.43
C SER B 476 15.86 -7.87 48.04
N TYR B 477 15.84 -6.57 47.76
CA TYR B 477 16.30 -6.08 46.46
C TYR B 477 17.78 -6.38 46.28
N SER B 478 18.23 -6.38 45.02
CA SER B 478 19.62 -6.68 44.74
C SER B 478 20.55 -5.59 45.24
N PRO B 479 21.80 -5.96 45.56
CA PRO B 479 22.83 -5.05 46.05
C PRO B 479 23.11 -3.91 45.08
N GLY B 480 23.22 -4.23 43.80
CA GLY B 480 23.47 -3.21 42.80
C GLY B 480 22.40 -2.15 42.83
N GLU B 481 21.14 -2.57 42.82
CA GLU B 481 20.00 -1.66 42.84
C GLU B 481 20.03 -0.79 44.09
N ILE B 482 20.20 -1.41 45.24
CA ILE B 482 20.25 -0.67 46.50
C ILE B 482 21.38 0.34 46.49
N ASN B 483 22.56 -0.06 46.06
CA ASN B 483 23.69 0.86 46.03
C ASN B 483 23.46 2.03 45.07
N ARG B 484 22.88 1.75 43.90
CA ARG B 484 22.61 2.81 42.95
C ARG B 484 21.70 3.85 43.60
N VAL B 485 20.63 3.39 44.23
CA VAL B 485 19.68 4.30 44.89
C VAL B 485 20.31 5.12 46.01
N ALA B 486 21.08 4.48 46.88
CA ALA B 486 21.73 5.17 47.99
C ALA B 486 22.72 6.20 47.46
N SER B 487 23.52 5.79 46.48
CA SER B 487 24.49 6.69 45.88
C SER B 487 23.79 7.90 45.30
N CYS B 488 22.63 7.66 44.69
CA CYS B 488 21.87 8.75 44.10
C CYS B 488 21.34 9.71 45.17
N LEU B 489 20.95 9.17 46.31
CA LEU B 489 20.43 10.01 47.39
C LEU B 489 21.53 10.90 48.00
N ARG B 490 22.76 10.38 48.05
CA ARG B 490 23.87 11.16 48.59
C ARG B 490 24.23 12.28 47.62
N LYS B 491 24.14 11.98 46.34
CA LYS B 491 24.45 12.96 45.28
C LYS B 491 23.48 14.13 45.29
N LEU B 492 22.20 13.86 45.50
CA LEU B 492 21.17 14.90 45.53
C LEU B 492 20.92 15.48 46.91
N GLY B 493 21.43 14.81 47.94
CA GLY B 493 21.19 15.31 49.28
C GLY B 493 19.81 14.92 49.76
N VAL B 494 19.36 13.73 49.37
CA VAL B 494 18.08 13.21 49.79
C VAL B 494 18.33 12.37 51.02
N PRO B 495 17.51 12.54 52.06
CA PRO B 495 17.69 11.76 53.28
C PRO B 495 17.91 10.30 52.95
N PRO B 496 18.86 9.65 53.63
CA PRO B 496 19.12 8.24 53.35
C PRO B 496 17.87 7.37 53.48
N LEU B 497 17.85 6.24 52.78
CA LEU B 497 16.71 5.34 52.78
C LEU B 497 16.08 5.03 54.15
N ARG B 498 16.89 4.57 55.09
CA ARG B 498 16.37 4.22 56.41
C ARG B 498 15.53 5.32 57.07
N THR B 499 15.79 6.57 56.73
CA THR B 499 15.01 7.65 57.33
C THR B 499 13.58 7.70 56.80
N TRP B 500 13.38 7.37 55.53
CA TRP B 500 12.05 7.40 54.94
C TRP B 500 11.07 6.43 55.58
N ARG B 501 11.57 5.29 56.04
CA ARG B 501 10.68 4.31 56.67
C ARG B 501 9.93 4.98 57.81
N HIS B 502 10.61 5.86 58.53
CA HIS B 502 10.00 6.57 59.65
C HIS B 502 8.90 7.50 59.15
N ARG B 503 9.18 8.26 58.09
CA ARG B 503 8.19 9.18 57.53
C ARG B 503 6.98 8.41 57.02
N ALA B 504 7.24 7.25 56.42
CA ALA B 504 6.18 6.42 55.87
C ALA B 504 5.22 5.89 56.93
N ARG B 505 5.73 5.59 58.13
CA ARG B 505 4.87 5.08 59.19
C ARG B 505 3.82 6.11 59.56
N SER B 506 4.25 7.35 59.71
CA SER B 506 3.36 8.45 60.05
C SER B 506 2.30 8.66 58.99
N VAL B 507 2.73 8.66 57.73
CA VAL B 507 1.83 8.85 56.59
C VAL B 507 0.84 7.68 56.53
N ARG B 508 1.33 6.47 56.76
CA ARG B 508 0.48 5.28 56.73
C ARG B 508 -0.61 5.37 57.79
N ALA B 509 -0.22 5.79 59.00
CA ALA B 509 -1.17 5.91 60.09
C ALA B 509 -2.23 6.97 59.76
N LYS B 510 -1.79 8.13 59.27
CA LYS B 510 -2.72 9.19 58.92
C LYS B 510 -3.70 8.77 57.84
N LEU B 511 -3.28 7.87 56.97
CA LEU B 511 -4.14 7.39 55.89
C LEU B 511 -5.14 6.36 56.41
N LEU B 512 -4.71 5.53 57.37
CA LEU B 512 -5.59 4.53 57.94
C LEU B 512 -6.71 5.24 58.71
N SER B 513 -6.36 6.40 59.27
CA SER B 513 -7.29 7.23 60.02
C SER B 513 -8.40 7.79 59.15
N GLN B 514 -8.06 8.20 57.94
CA GLN B 514 -9.03 8.76 57.00
C GLN B 514 -10.13 7.75 56.69
N GLY B 515 -9.73 6.52 56.40
CA GLY B 515 -10.69 5.47 56.07
C GLY B 515 -11.00 5.53 54.58
N GLY B 516 -11.76 4.54 54.10
CA GLY B 516 -12.12 4.51 52.69
C GLY B 516 -10.94 4.28 51.74
N ARG B 517 -10.89 5.07 50.68
CA ARG B 517 -9.81 4.95 49.69
C ARG B 517 -8.46 5.25 50.31
N ALA B 518 -8.37 6.34 51.06
CA ALA B 518 -7.12 6.75 51.70
C ALA B 518 -6.58 5.62 52.57
N ALA B 519 -7.47 4.99 53.33
CA ALA B 519 -7.09 3.89 54.22
C ALA B 519 -6.46 2.76 53.41
N THR B 520 -7.06 2.46 52.27
CA THR B 520 -6.56 1.40 51.40
C THR B 520 -5.14 1.73 50.93
N CYS B 521 -4.89 3.00 50.63
CA CYS B 521 -3.58 3.44 50.20
C CYS B 521 -2.55 3.15 51.28
N GLY B 522 -2.89 3.50 52.52
CA GLY B 522 -1.98 3.27 53.63
C GLY B 522 -1.71 1.79 53.87
N ARG B 523 -2.71 0.95 53.67
CA ARG B 523 -2.60 -0.48 53.88
C ARG B 523 -1.73 -1.20 52.84
N TYR B 524 -1.98 -0.93 51.56
CA TYR B 524 -1.23 -1.56 50.50
C TYR B 524 0.08 -0.88 50.12
N LEU B 525 0.04 0.43 49.95
CA LEU B 525 1.22 1.19 49.57
C LEU B 525 2.39 1.20 50.57
N PHE B 526 2.06 1.26 51.86
CA PHE B 526 3.11 1.31 52.90
C PHE B 526 3.22 0.07 53.79
N ASN B 527 2.82 -1.09 53.29
CA ASN B 527 2.89 -2.31 54.07
C ASN B 527 4.34 -2.67 54.37
N TRP B 528 5.26 -2.16 53.55
CA TRP B 528 6.69 -2.43 53.70
C TRP B 528 7.28 -1.64 54.87
N ALA B 529 6.64 -0.52 55.20
CA ALA B 529 7.11 0.35 56.27
C ALA B 529 6.79 -0.12 57.68
N VAL B 530 6.00 -1.18 57.81
CA VAL B 530 5.64 -1.68 59.13
C VAL B 530 6.24 -3.04 59.46
N ARG B 531 6.68 -3.18 60.71
CA ARG B 531 7.25 -4.43 61.21
C ARG B 531 6.12 -5.20 61.85
N THR B 532 4.96 -5.13 61.19
CA THR B 532 3.76 -5.79 61.65
C THR B 532 3.17 -6.59 60.48
N LYS B 533 3.06 -5.92 59.34
CA LYS B 533 2.52 -6.52 58.12
C LYS B 533 1.01 -6.73 58.15
N LEU B 534 0.51 -7.37 57.10
CA LEU B 534 -0.90 -7.67 56.94
C LEU B 534 -1.00 -8.41 55.61
N LYS B 535 -1.78 -9.49 55.56
CA LYS B 535 -1.91 -10.26 54.33
C LYS B 535 -2.73 -9.55 53.26
N LEU B 536 -2.03 -8.77 52.43
CA LEU B 536 -2.66 -8.03 51.35
C LEU B 536 -3.45 -8.95 50.43
N THR B 537 -4.76 -8.72 50.34
CA THR B 537 -5.62 -9.54 49.48
C THR B 537 -5.96 -8.75 48.22
N PRO B 538 -6.39 -9.44 47.15
CA PRO B 538 -6.74 -8.74 45.90
C PRO B 538 -7.75 -7.63 46.16
N ILE B 539 -7.56 -6.50 45.49
CA ILE B 539 -8.46 -5.37 45.66
C ILE B 539 -9.70 -5.58 44.78
N PRO B 540 -10.89 -5.48 45.37
CA PRO B 540 -12.17 -5.64 44.68
C PRO B 540 -12.25 -4.78 43.43
N ALA B 541 -12.24 -3.47 43.61
CA ALA B 541 -12.31 -2.52 42.50
C ALA B 541 -11.03 -2.53 41.69
N ALA B 542 -10.73 -3.65 41.05
CA ALA B 542 -9.53 -3.79 40.24
C ALA B 542 -9.92 -4.14 38.80
N SER B 543 -10.66 -5.24 38.65
CA SER B 543 -11.11 -5.68 37.34
C SER B 543 -12.14 -4.72 36.76
N GLN B 544 -12.40 -3.64 37.47
CA GLN B 544 -13.35 -2.63 37.03
C GLN B 544 -12.57 -1.42 36.50
N LEU B 545 -11.26 -1.59 36.40
CA LEU B 545 -10.38 -0.54 35.91
C LEU B 545 -10.22 -0.58 34.40
N ASP B 546 -10.66 0.49 33.74
CA ASP B 546 -10.57 0.58 32.29
C ASP B 546 -9.16 1.02 31.90
N LEU B 547 -8.21 0.10 32.00
CA LEU B 547 -6.81 0.39 31.67
C LEU B 547 -6.53 0.12 30.20
N SER B 548 -7.58 0.21 29.38
CA SER B 548 -7.45 0.00 27.93
C SER B 548 -6.98 1.30 27.29
N GLY B 549 -5.97 1.19 26.45
CA GLY B 549 -5.45 2.37 25.78
C GLY B 549 -4.21 2.94 26.42
N TRP B 550 -3.93 2.53 27.65
CA TRP B 550 -2.75 3.01 28.35
C TRP B 550 -1.48 2.49 27.71
N PHE B 551 -1.52 1.23 27.27
CA PHE B 551 -0.35 0.63 26.66
C PHE B 551 -0.66 0.03 25.30
N VAL B 552 -1.02 0.91 24.37
CA VAL B 552 -1.33 0.51 23.01
C VAL B 552 -0.30 1.06 22.03
N ALA B 553 0.05 2.34 22.17
CA ALA B 553 1.02 2.96 21.27
C ALA B 553 1.69 4.19 21.88
N GLY B 554 2.79 4.63 21.27
CA GLY B 554 3.49 5.80 21.75
C GLY B 554 2.92 7.05 21.09
N TYR B 555 2.80 8.14 21.84
CA TYR B 555 2.25 9.37 21.30
C TYR B 555 3.09 10.61 21.62
N SER B 556 4.29 10.39 22.15
CA SER B 556 5.18 11.48 22.51
C SER B 556 5.28 12.54 21.40
N GLY B 557 5.00 13.79 21.76
CA GLY B 557 5.04 14.89 20.81
C GLY B 557 3.77 15.00 19.98
N GLY B 558 2.91 13.99 20.09
CA GLY B 558 1.68 13.96 19.32
C GLY B 558 0.47 14.77 19.77
N ASP B 559 0.57 15.49 20.89
CA ASP B 559 -0.56 16.30 21.34
C ASP B 559 -1.79 15.41 21.59
N ILE B 560 -1.58 14.29 22.29
CA ILE B 560 -2.67 13.35 22.57
C ILE B 560 -3.17 13.33 24.03
N TYR B 561 -4.49 13.45 24.17
CA TYR B 561 -5.14 13.42 25.48
C TYR B 561 -6.18 12.29 25.49
N HIS B 562 -6.11 11.45 26.52
CA HIS B 562 -7.05 10.33 26.65
C HIS B 562 -7.98 10.41 27.85
N SER B 563 -9.05 9.65 27.79
CA SER B 563 -10.04 9.61 28.86
C SER B 563 -10.67 8.21 28.90
C1 2BI C . -7.92 -30.91 -45.90
C2 2BI C . -9.01 -30.68 -46.74
C3 2BI C . -10.30 -30.62 -46.21
C4 2BI C . -10.51 -30.80 -44.84
C5 2BI C . -9.42 -31.02 -43.99
C6 2BI C . -8.13 -31.08 -44.52
S7 2BI C . -6.26 -31.01 -46.51
O8 2BI C . -5.87 -29.70 -46.98
O9 2BI C . -6.21 -32.14 -47.43
N10 2BI C . -5.38 -31.43 -45.18
C11 2BI C . -4.97 -30.54 -44.22
N12 2BI C . -4.58 -30.98 -43.00
O13 2BI C . -4.23 -29.85 -42.28
C14 2BI C . -4.41 -28.74 -43.06
C15 2BI C . -4.88 -29.14 -44.29
C16 2BI C . -4.10 -27.44 -42.44
CL7 2BI C . -8.87 -30.43 -48.45
CL8 2BI C . -12.13 -30.71 -44.26
CL9 2BI C . -9.61 -31.25 -42.29
C1 2BI D . -7.27 -12.34 -26.59
C2 2BI D . -7.23 -12.78 -25.26
C3 2BI D . -6.83 -14.09 -24.98
C4 2BI D . -6.47 -14.97 -26.01
C5 2BI D . -6.52 -14.53 -27.34
C6 2BI D . -6.92 -13.22 -27.62
S7 2BI D . -7.79 -10.70 -27.01
O8 2BI D . -8.31 -10.07 -25.83
O9 2BI D . -8.63 -10.80 -28.19
N10 2BI D . -6.38 -9.97 -27.49
C11 2BI D . -5.69 -10.24 -28.65
N12 2BI D . -4.38 -9.99 -28.75
O13 2BI D . -4.02 -10.37 -30.03
C14 2BI D . -5.11 -10.86 -30.68
C15 2BI D . -6.19 -10.79 -29.85
C16 2BI D . -4.89 -11.31 -32.06
CL7 2BI D . -7.61 -11.78 -23.90
CL8 2BI D . -5.99 -16.56 -25.58
CL9 2BI D . -6.10 -15.56 -28.66
#